data_2B30
#
_entry.id   2B30
#
_cell.length_a   64.101
_cell.length_b   101.792
_cell.length_c   97.337
_cell.angle_alpha   90.00
_cell.angle_beta   93.93
_cell.angle_gamma   90.00
#
_symmetry.space_group_name_H-M   'P 1 21 1'
#
loop_
_entity.id
_entity.type
_entity.pdbx_description
1 polymer 'Pvivax hypothetical protein'
2 non-polymer 'CALCIUM ION'
3 non-polymer 'CHLORIDE ION'
4 water water
#
_entity_poly.entity_id   1
_entity_poly.type   'polypeptide(L)'
_entity_poly.pdbx_seq_one_letter_code
;MAHHHHHHMADQNPDLKVEEALKGADIKLLLIDFDGTLFVDKDIKVPSENIDAIKEAIEKGYMVSICTGRSKVGILSAFG
EENLKKMNFYGMPGVYINGTIVYDQIGYTLLDETIETDVYAELISYLVEKNLVNQTIFHRGESNYVTEDNKYADFLQKMY
SENRSIIIRHNEMLKYRTMNKLMIVLDPSESKTVIGNLKQKFKNKLTIFTTYNGHAEVTKLGHDKYTGINYLLKHYNISN
DQVLVVGDAENDIAMLSNFKYSFAVANATDSAKSHAKCVLPVSHREGAVAYLLKKVFDLKK
;
_entity_poly.pdbx_strand_id   A,B,C,D
#
loop_
_chem_comp.id
_chem_comp.type
_chem_comp.name
_chem_comp.formula
CA non-polymer 'CALCIUM ION' 'Ca 2'
CL non-polymer 'CHLORIDE ION' 'Cl -1'
#
# COMPACT_ATOMS: atom_id res chain seq x y z
N LYS A 17 -4.29 -29.66 6.95
CA LYS A 17 -4.91 -28.56 7.77
C LYS A 17 -3.97 -27.36 7.83
N VAL A 18 -2.80 -27.61 8.40
CA VAL A 18 -1.83 -26.58 8.73
C VAL A 18 -1.22 -26.04 7.47
N GLU A 19 -0.67 -26.92 6.65
CA GLU A 19 -0.06 -26.47 5.40
C GLU A 19 -1.14 -25.96 4.44
N GLU A 20 -2.37 -26.44 4.59
CA GLU A 20 -3.50 -25.88 3.87
C GLU A 20 -3.74 -24.45 4.36
N ALA A 21 -3.86 -24.29 5.68
CA ALA A 21 -4.06 -22.97 6.30
C ALA A 21 -2.98 -21.91 5.96
N LEU A 22 -1.84 -22.34 5.44
CA LEU A 22 -0.71 -21.47 5.09
C LEU A 22 -0.57 -21.23 3.58
N LYS A 23 -1.47 -21.81 2.78
CA LYS A 23 -1.32 -21.81 1.32
C LYS A 23 -0.95 -20.41 0.79
N GLY A 24 0.27 -20.26 0.27
CA GLY A 24 0.71 -19.00 -0.38
C GLY A 24 0.98 -17.81 0.55
N ALA A 25 1.32 -18.09 1.81
CA ALA A 25 1.60 -17.07 2.80
C ALA A 25 2.98 -16.48 2.58
N ASP A 26 3.06 -15.16 2.52
CA ASP A 26 4.34 -14.44 2.42
C ASP A 26 4.77 -13.91 3.79
N ILE A 27 5.01 -14.82 4.72
CA ILE A 27 5.29 -14.46 6.11
C ILE A 27 6.65 -13.82 6.28
N LYS A 28 6.67 -12.68 6.98
CA LYS A 28 7.89 -11.95 7.33
C LYS A 28 8.08 -11.73 8.84
N LEU A 29 7.06 -12.04 9.65
CA LEU A 29 7.09 -11.80 11.11
C LEU A 29 6.55 -13.01 11.85
N LEU A 30 7.34 -13.57 12.76
CA LEU A 30 6.89 -14.67 13.62
C LEU A 30 6.57 -14.12 15.01
N LEU A 31 5.30 -14.22 15.41
CA LEU A 31 4.84 -13.76 16.71
C LEU A 31 4.49 -14.97 17.58
N ILE A 32 5.33 -15.25 18.58
CA ILE A 32 5.30 -16.50 19.30
C ILE A 32 4.97 -16.24 20.75
N ASP A 33 3.91 -16.87 21.25
CA ASP A 33 3.60 -16.81 22.68
C ASP A 33 4.65 -17.60 23.46
N PHE A 34 4.89 -17.21 24.71
CA PHE A 34 5.89 -17.90 25.53
C PHE A 34 5.28 -19.09 26.29
N ASP A 35 4.66 -18.87 27.44
CA ASP A 35 4.19 -19.99 28.26
C ASP A 35 3.01 -20.65 27.61
N GLY A 36 3.00 -21.98 27.64
CA GLY A 36 1.93 -22.76 27.02
C GLY A 36 2.15 -22.96 25.54
N THR A 37 3.09 -22.22 24.95
CA THR A 37 3.38 -22.31 23.53
C THR A 37 4.84 -22.70 23.34
N LEU A 38 5.75 -21.78 23.64
CA LEU A 38 7.18 -22.01 23.48
C LEU A 38 7.80 -22.61 24.77
N PHE A 39 7.40 -22.10 25.93
CA PHE A 39 7.92 -22.55 27.22
C PHE A 39 6.92 -23.48 27.88
N VAL A 40 7.38 -24.68 28.28
CA VAL A 40 6.49 -25.75 28.75
C VAL A 40 6.27 -25.73 30.28
N ASP A 41 7.33 -25.90 31.06
CA ASP A 41 7.24 -25.87 32.54
C ASP A 41 8.63 -25.71 33.18
N LYS A 42 8.70 -25.77 34.51
CA LYS A 42 9.96 -25.70 35.26
C LYS A 42 11.14 -26.49 34.66
N ASP A 43 10.90 -27.78 34.42
CA ASP A 43 11.97 -28.74 34.07
C ASP A 43 12.33 -28.69 32.59
N ILE A 44 11.32 -28.79 31.73
CA ILE A 44 11.52 -28.79 30.28
C ILE A 44 11.96 -27.40 29.77
N LYS A 45 11.44 -26.35 30.40
CA LYS A 45 11.65 -24.97 29.96
C LYS A 45 11.26 -24.82 28.47
N VAL A 46 12.21 -24.45 27.62
CA VAL A 46 11.98 -24.36 26.18
C VAL A 46 12.73 -25.50 25.49
N PRO A 47 11.99 -26.46 24.91
CA PRO A 47 12.52 -27.59 24.14
C PRO A 47 13.58 -27.17 23.15
N SER A 48 14.62 -27.99 23.02
CA SER A 48 15.71 -27.73 22.08
C SER A 48 15.26 -27.59 20.61
N GLU A 49 14.19 -28.27 20.21
CA GLU A 49 13.66 -28.17 18.84
C GLU A 49 13.19 -26.75 18.56
N ASN A 50 12.56 -26.14 19.57
CA ASN A 50 12.09 -24.78 19.43
C ASN A 50 13.26 -23.80 19.29
N ILE A 51 14.31 -24.01 20.07
CA ILE A 51 15.52 -23.19 19.99
C ILE A 51 16.14 -23.24 18.59
N ASP A 52 16.24 -24.43 17.99
CA ASP A 52 16.74 -24.56 16.62
C ASP A 52 15.81 -23.89 15.63
N ALA A 53 14.51 -24.00 15.87
CA ALA A 53 13.50 -23.42 14.99
C ALA A 53 13.69 -21.93 14.92
N ILE A 54 13.81 -21.30 16.08
CA ILE A 54 14.06 -19.88 16.15
C ILE A 54 15.44 -19.58 15.53
N LYS A 55 16.43 -20.38 15.88
CA LYS A 55 17.78 -20.23 15.31
C LYS A 55 17.71 -20.15 13.81
N GLU A 56 17.01 -21.09 13.19
CA GLU A 56 16.92 -21.14 11.73
C GLU A 56 16.10 -19.98 11.17
N ALA A 57 15.02 -19.63 11.87
CA ALA A 57 14.13 -18.53 11.45
C ALA A 57 14.89 -17.22 11.29
N ILE A 58 15.78 -16.96 12.25
CA ILE A 58 16.64 -15.76 12.22
C ILE A 58 17.65 -15.83 11.07
N GLU A 59 18.19 -17.02 10.83
CA GLU A 59 19.08 -17.23 9.69
C GLU A 59 18.37 -17.16 8.34
N LYS A 60 17.14 -17.67 8.26
CA LYS A 60 16.37 -17.63 7.03
C LYS A 60 15.81 -16.23 6.75
N GLY A 61 15.90 -15.33 7.73
CA GLY A 61 15.60 -13.91 7.52
C GLY A 61 14.30 -13.42 8.13
N TYR A 62 13.67 -14.26 8.95
CA TYR A 62 12.40 -13.91 9.61
C TYR A 62 12.66 -13.04 10.83
N MET A 63 11.83 -12.01 11.00
CA MET A 63 11.82 -11.22 12.21
C MET A 63 10.99 -11.99 13.22
N VAL A 64 11.51 -12.10 14.43
CA VAL A 64 10.89 -12.90 15.45
C VAL A 64 10.63 -12.01 16.65
N SER A 65 9.40 -12.08 17.17
CA SER A 65 9.00 -11.33 18.33
C SER A 65 8.18 -12.22 19.26
N ILE A 66 8.62 -12.34 20.50
CA ILE A 66 7.87 -13.07 21.47
C ILE A 66 6.86 -12.12 22.09
N CYS A 67 5.62 -12.55 22.14
CA CYS A 67 4.53 -11.76 22.66
C CYS A 67 4.00 -12.44 23.91
N THR A 68 4.17 -11.80 25.07
CA THR A 68 3.87 -12.46 26.34
C THR A 68 3.48 -11.50 27.44
N GLY A 69 2.91 -12.07 28.50
CA GLY A 69 2.64 -11.36 29.74
C GLY A 69 3.89 -11.13 30.58
N ARG A 70 4.96 -11.86 30.30
CA ARG A 70 6.20 -11.71 31.05
C ARG A 70 6.98 -10.49 30.61
N SER A 71 8.00 -10.16 31.40
CA SER A 71 8.91 -9.07 31.08
C SER A 71 9.98 -9.63 30.17
N LYS A 72 10.80 -8.76 29.57
CA LYS A 72 11.91 -9.22 28.69
C LYS A 72 12.89 -10.08 29.47
N VAL A 73 13.42 -9.52 30.57
CA VAL A 73 14.39 -10.22 31.41
C VAL A 73 13.81 -11.52 31.96
N GLY A 74 12.50 -11.55 32.19
CA GLY A 74 11.83 -12.76 32.62
C GLY A 74 11.99 -13.84 31.58
N ILE A 75 11.84 -13.45 30.31
CA ILE A 75 11.97 -14.37 29.19
C ILE A 75 13.42 -14.76 28.92
N LEU A 76 14.34 -13.80 29.09
CA LEU A 76 15.77 -14.07 28.94
C LEU A 76 16.32 -14.99 30.04
N SER A 77 15.75 -14.92 31.24
CA SER A 77 16.14 -15.84 32.31
C SER A 77 15.73 -17.26 31.95
N ALA A 78 14.45 -17.43 31.66
CA ALA A 78 13.89 -18.72 31.33
C ALA A 78 14.61 -19.34 30.15
N PHE A 79 15.04 -18.50 29.21
CA PHE A 79 15.80 -18.97 28.03
C PHE A 79 17.19 -19.48 28.41
N GLY A 80 17.91 -18.70 29.22
CA GLY A 80 19.29 -19.01 29.59
C GLY A 80 20.27 -18.47 28.59
N GLU A 81 21.36 -17.89 29.07
CA GLU A 81 22.40 -17.29 28.23
C GLU A 81 22.84 -18.16 27.03
N GLU A 82 22.92 -19.47 27.24
CA GLU A 82 23.43 -20.37 26.19
C GLU A 82 22.50 -20.45 24.99
N ASN A 83 21.21 -20.62 25.23
CA ASN A 83 20.19 -20.63 24.17
C ASN A 83 20.14 -19.32 23.38
N LEU A 84 20.30 -18.20 24.08
CA LEU A 84 20.30 -16.89 23.44
C LEU A 84 21.46 -16.77 22.45
N LYS A 85 22.62 -17.31 22.83
CA LYS A 85 23.79 -17.35 21.95
C LYS A 85 23.50 -18.27 20.77
N LYS A 86 22.97 -19.44 21.08
CA LYS A 86 22.65 -20.45 20.08
C LYS A 86 21.65 -19.94 19.04
N MET A 87 20.61 -19.23 19.49
CA MET A 87 19.61 -18.67 18.58
C MET A 87 20.08 -17.39 17.89
N ASN A 88 20.96 -16.65 18.58
CA ASN A 88 21.31 -15.28 18.24
C ASN A 88 20.06 -14.39 18.38
N PHE A 89 19.42 -14.52 19.53
CA PHE A 89 18.19 -13.80 19.85
C PHE A 89 18.21 -13.38 21.32
N TYR A 90 17.83 -12.13 21.58
CA TYR A 90 17.95 -11.52 22.91
C TYR A 90 16.70 -10.71 23.23
N GLY A 91 15.55 -11.20 22.76
CA GLY A 91 14.26 -10.62 23.08
C GLY A 91 13.93 -9.32 22.35
N MET A 92 14.64 -9.04 21.28
CA MET A 92 14.41 -7.81 20.53
C MET A 92 14.29 -8.12 19.05
N PRO A 93 13.15 -7.76 18.44
CA PRO A 93 12.02 -7.02 19.00
C PRO A 93 11.18 -7.86 19.97
N GLY A 94 10.27 -7.20 20.69
CA GLY A 94 9.41 -7.91 21.62
C GLY A 94 8.22 -7.15 22.14
N VAL A 95 7.14 -7.89 22.41
CA VAL A 95 5.94 -7.37 23.04
C VAL A 95 5.84 -8.04 24.41
N TYR A 96 5.98 -7.24 25.46
CA TYR A 96 6.06 -7.76 26.80
C TYR A 96 4.99 -7.15 27.67
N ILE A 97 4.67 -7.84 28.77
CA ILE A 97 3.69 -7.37 29.73
C ILE A 97 2.37 -7.02 29.04
N ASN A 98 1.90 -7.98 28.27
CA ASN A 98 0.62 -7.90 27.58
C ASN A 98 0.44 -6.65 26.74
N GLY A 99 1.54 -6.21 26.12
CA GLY A 99 1.48 -5.14 25.15
C GLY A 99 1.74 -3.75 25.70
N THR A 100 2.05 -3.65 26.99
CA THR A 100 2.34 -2.38 27.63
C THR A 100 3.84 -2.02 27.55
N ILE A 101 4.69 -2.99 27.22
CA ILE A 101 6.09 -2.70 26.94
C ILE A 101 6.49 -3.33 25.61
N VAL A 102 7.07 -2.51 24.72
CA VAL A 102 7.44 -2.96 23.38
C VAL A 102 8.84 -2.47 23.00
N TYR A 103 9.69 -3.38 22.54
CA TYR A 103 11.04 -3.04 22.08
C TYR A 103 11.20 -3.32 20.59
N ASP A 104 11.86 -2.41 19.88
CA ASP A 104 12.18 -2.69 18.48
C ASP A 104 13.43 -3.58 18.43
N GLN A 105 13.83 -3.98 17.23
CA GLN A 105 14.94 -4.91 17.04
C GLN A 105 16.25 -4.41 17.70
N ILE A 106 16.42 -3.10 17.73
CA ILE A 106 17.63 -2.47 18.27
C ILE A 106 17.55 -2.22 19.78
N GLY A 107 16.36 -2.34 20.37
CA GLY A 107 16.17 -2.10 21.80
C GLY A 107 15.59 -0.74 22.17
N TYR A 108 14.99 -0.02 21.22
CA TYR A 108 14.29 1.22 21.55
C TYR A 108 12.92 0.94 22.16
N THR A 109 12.60 1.71 23.20
CA THR A 109 11.34 1.59 23.91
C THR A 109 10.25 2.27 23.08
N LEU A 110 9.48 1.44 22.38
CA LEU A 110 8.37 1.94 21.59
C LEU A 110 7.18 2.26 22.49
N LEU A 111 7.11 1.60 23.64
CA LEU A 111 5.96 1.74 24.50
C LEU A 111 6.28 1.20 25.88
N ASP A 112 6.01 2.03 26.88
CA ASP A 112 6.07 1.66 28.28
C ASP A 112 4.84 2.24 28.95
N GLU A 113 3.72 1.52 28.92
CA GLU A 113 2.49 2.03 29.52
C GLU A 113 2.30 1.53 30.95
N THR A 114 2.13 2.46 31.88
CA THR A 114 1.84 2.14 33.27
C THR A 114 0.41 2.49 33.64
N ILE A 115 -0.12 1.79 34.64
CA ILE A 115 -1.47 2.03 35.09
C ILE A 115 -1.60 3.49 35.50
N GLU A 116 -2.76 4.07 35.23
CA GLU A 116 -3.04 5.45 35.62
C GLU A 116 -2.96 5.54 37.15
N THR A 117 -2.37 6.62 37.64
CA THR A 117 -2.07 6.75 39.08
C THR A 117 -3.32 6.83 39.98
N ASP A 118 -4.41 7.39 39.47
CA ASP A 118 -5.67 7.43 40.24
C ASP A 118 -6.26 6.02 40.33
N VAL A 119 -6.23 5.29 39.22
CA VAL A 119 -6.71 3.89 39.21
C VAL A 119 -5.78 3.00 40.03
N TYR A 120 -4.48 3.22 39.94
CA TYR A 120 -3.51 2.41 40.69
C TYR A 120 -3.71 2.58 42.19
N ALA A 121 -3.88 3.82 42.63
CA ALA A 121 -4.17 4.12 44.04
C ALA A 121 -5.42 3.35 44.48
N GLU A 122 -6.45 3.36 43.66
CA GLU A 122 -7.66 2.68 44.02
C GLU A 122 -7.37 1.20 44.10
N LEU A 123 -6.58 0.72 43.13
CA LEU A 123 -6.31 -0.71 43.03
C LEU A 123 -5.63 -1.24 44.28
N ILE A 124 -4.59 -0.54 44.71
CA ILE A 124 -3.83 -0.91 45.93
C ILE A 124 -4.71 -0.79 47.18
N SER A 125 -5.58 0.21 47.22
CA SER A 125 -6.51 0.37 48.32
C SER A 125 -7.46 -0.82 48.39
N TYR A 126 -7.93 -1.27 47.24
CA TYR A 126 -8.76 -2.48 47.13
C TYR A 126 -8.02 -3.77 47.51
N LEU A 127 -6.73 -3.86 47.17
CA LEU A 127 -5.93 -5.06 47.48
C LEU A 127 -5.63 -5.19 48.98
N VAL A 128 -5.41 -4.05 49.65
CA VAL A 128 -5.23 -4.03 51.09
C VAL A 128 -6.55 -4.45 51.77
N GLU A 129 -7.64 -3.78 51.39
CA GLU A 129 -8.97 -4.09 51.93
C GLU A 129 -9.28 -5.58 51.83
N LYS A 130 -8.95 -6.19 50.69
CA LYS A 130 -9.15 -7.63 50.49
C LYS A 130 -7.94 -8.49 50.91
N ASN A 131 -6.99 -7.92 51.65
CA ASN A 131 -5.74 -8.60 52.01
C ASN A 131 -5.19 -9.52 50.90
N LEU A 132 -5.01 -8.94 49.72
CA LEU A 132 -4.41 -9.63 48.58
C LEU A 132 -2.99 -9.14 48.25
N VAL A 133 -2.58 -8.04 48.90
CA VAL A 133 -1.25 -7.47 48.70
C VAL A 133 -0.09 -8.45 48.99
N ASN A 134 -0.22 -9.31 50.00
CA ASN A 134 0.86 -10.26 50.36
C ASN A 134 0.93 -11.51 49.46
N GLN A 135 0.21 -11.49 48.34
CA GLN A 135 0.34 -12.56 47.32
C GLN A 135 0.36 -11.98 45.91
N THR A 136 0.80 -10.72 45.81
CA THR A 136 0.76 -9.95 44.56
C THR A 136 2.16 -9.56 44.11
N ILE A 137 2.50 -9.89 42.86
CA ILE A 137 3.82 -9.54 42.31
C ILE A 137 3.74 -8.24 41.53
N PHE A 138 4.50 -7.25 41.98
CA PHE A 138 4.42 -5.89 41.44
C PHE A 138 5.48 -5.68 40.37
N HIS A 139 5.06 -5.36 39.15
CA HIS A 139 5.98 -5.28 38.01
C HIS A 139 6.15 -3.84 37.54
N ARG A 140 7.40 -3.40 37.40
CA ARG A 140 7.72 -2.13 36.74
C ARG A 140 8.95 -2.32 35.86
N GLY A 141 8.76 -2.15 34.55
CA GLY A 141 9.82 -2.32 33.58
C GLY A 141 10.35 -3.74 33.54
N GLU A 142 11.64 -3.89 33.83
CA GLU A 142 12.30 -5.20 33.87
C GLU A 142 12.47 -5.73 35.30
N SER A 143 11.82 -5.07 36.27
CA SER A 143 11.88 -5.48 37.67
C SER A 143 10.51 -5.91 38.17
N ASN A 144 10.52 -6.80 39.17
CA ASN A 144 9.31 -7.13 39.91
C ASN A 144 9.58 -7.26 41.40
N TYR A 145 8.56 -7.00 42.21
CA TYR A 145 8.74 -6.87 43.65
C TYR A 145 7.64 -7.58 44.40
N VAL A 146 7.98 -8.12 45.56
CA VAL A 146 6.99 -8.70 46.46
C VAL A 146 7.18 -8.19 47.89
N THR A 147 6.20 -8.46 48.74
CA THR A 147 6.20 -7.93 50.09
C THR A 147 6.89 -8.94 51.05
N GLU A 148 7.51 -8.42 52.13
CA GLU A 148 8.20 -9.22 53.16
C GLU A 148 7.40 -10.44 53.59
N ASP A 149 6.09 -10.22 53.78
CA ASP A 149 5.15 -11.26 54.19
C ASP A 149 4.55 -12.07 53.03
N ASN A 150 5.20 -12.09 51.86
CA ASN A 150 4.72 -12.87 50.72
C ASN A 150 5.29 -14.27 50.75
N LYS A 151 4.41 -15.26 50.80
CA LYS A 151 4.82 -16.68 50.81
C LYS A 151 5.33 -17.12 49.45
N TYR A 152 4.96 -16.39 48.40
CA TYR A 152 5.29 -16.75 47.01
C TYR A 152 6.50 -15.98 46.45
N ALA A 153 7.51 -15.71 47.29
CA ALA A 153 8.70 -14.96 46.86
C ALA A 153 9.61 -15.72 45.87
N ASP A 154 9.69 -17.04 46.02
CA ASP A 154 10.47 -17.91 45.12
C ASP A 154 9.66 -18.33 43.87
N PHE A 155 8.50 -17.69 43.66
CA PHE A 155 7.44 -18.19 42.76
C PHE A 155 7.80 -18.12 41.28
N LEU A 156 8.22 -16.96 40.81
CA LEU A 156 8.66 -16.84 39.43
C LEU A 156 9.94 -17.64 39.20
N GLN A 157 10.81 -17.71 40.22
CA GLN A 157 12.07 -18.44 40.12
C GLN A 157 11.82 -19.94 39.99
N LYS A 158 11.06 -20.51 40.93
CA LYS A 158 10.80 -21.95 40.93
C LYS A 158 9.79 -22.36 39.85
N MET A 159 8.62 -21.70 39.80
CA MET A 159 7.58 -22.08 38.83
C MET A 159 7.91 -21.77 37.37
N TYR A 160 8.61 -20.67 37.11
CA TYR A 160 8.78 -20.17 35.73
C TYR A 160 10.23 -19.89 35.32
N SER A 161 11.21 -20.36 36.10
CA SER A 161 12.63 -20.23 35.74
C SER A 161 13.09 -18.79 35.49
N GLU A 162 12.50 -17.84 36.23
CA GLU A 162 12.89 -16.44 36.19
C GLU A 162 13.88 -16.19 37.32
N ASN A 163 14.33 -14.94 37.43
CA ASN A 163 15.10 -14.50 38.59
C ASN A 163 14.13 -14.26 39.73
N ARG A 164 14.61 -14.39 40.96
CA ARG A 164 13.78 -14.17 42.16
C ARG A 164 13.28 -12.72 42.27
N SER A 165 12.08 -12.54 42.77
CA SER A 165 11.53 -11.20 42.98
C SER A 165 12.25 -10.52 44.13
N ILE A 166 12.35 -9.20 44.07
CA ILE A 166 12.96 -8.41 45.15
C ILE A 166 11.96 -8.19 46.28
N ILE A 167 12.43 -8.36 47.52
CA ILE A 167 11.56 -8.34 48.69
C ILE A 167 11.73 -7.04 49.45
N ILE A 168 10.60 -6.47 49.88
CA ILE A 168 10.60 -5.18 50.55
C ILE A 168 9.47 -5.13 51.58
N ARG A 169 9.58 -4.22 52.53
CA ARG A 169 8.56 -4.08 53.56
C ARG A 169 7.27 -3.60 52.90
N HIS A 170 6.14 -3.99 53.50
CA HIS A 170 4.82 -3.61 53.01
C HIS A 170 4.69 -2.10 52.87
N ASN A 171 5.09 -1.34 53.90
CA ASN A 171 5.03 0.13 53.82
C ASN A 171 5.91 0.73 52.69
N GLU A 172 6.95 0.00 52.29
CA GLU A 172 7.80 0.41 51.17
C GLU A 172 7.09 0.18 49.84
N MET A 173 6.36 -0.93 49.75
CA MET A 173 5.61 -1.27 48.54
C MET A 173 4.57 -0.20 48.18
N LEU A 174 3.86 0.31 49.17
CA LEU A 174 2.82 1.30 48.91
C LEU A 174 3.35 2.75 48.85
N LYS A 175 4.67 2.94 48.76
CA LYS A 175 5.24 4.23 48.36
C LYS A 175 5.16 4.41 46.83
N TYR A 176 5.16 3.32 46.08
CA TYR A 176 5.14 3.41 44.60
C TYR A 176 3.80 3.90 44.02
N ARG A 177 3.89 4.84 43.09
CA ARG A 177 2.73 5.51 42.51
C ARG A 177 2.07 4.76 41.35
N THR A 178 2.82 3.82 40.74
CA THR A 178 2.29 3.02 39.60
C THR A 178 3.11 1.74 39.28
N MET A 179 2.52 0.85 38.46
CA MET A 179 3.20 -0.36 37.96
C MET A 179 2.72 -0.63 36.54
N ASN A 180 3.51 -1.39 35.79
CA ASN A 180 3.07 -1.89 34.48
C ASN A 180 2.09 -3.05 34.64
N LYS A 181 2.32 -3.87 35.67
CA LYS A 181 1.49 -5.04 35.90
C LYS A 181 1.49 -5.51 37.35
N LEU A 182 0.33 -5.93 37.84
CA LEU A 182 0.23 -6.70 39.07
C LEU A 182 -0.24 -8.10 38.72
N MET A 183 0.56 -9.10 39.04
CA MET A 183 0.15 -10.49 38.89
C MET A 183 -0.25 -11.02 40.25
N ILE A 184 -1.55 -11.10 40.50
CA ILE A 184 -2.06 -11.61 41.78
C ILE A 184 -2.04 -13.14 41.73
N VAL A 185 -1.16 -13.75 42.52
CA VAL A 185 -1.08 -15.20 42.62
C VAL A 185 -2.25 -15.69 43.47
N LEU A 186 -3.02 -16.61 42.91
CA LEU A 186 -4.28 -17.01 43.50
C LEU A 186 -4.34 -18.50 43.79
N ASP A 187 -5.03 -18.83 44.88
CA ASP A 187 -5.24 -20.18 45.32
C ASP A 187 -6.36 -20.76 44.47
N PRO A 188 -6.11 -21.88 43.76
CA PRO A 188 -7.11 -22.40 42.80
C PRO A 188 -8.52 -22.55 43.37
N SER A 189 -8.68 -22.47 44.70
CA SER A 189 -9.99 -22.32 45.31
C SER A 189 -10.62 -21.02 44.85
N GLU A 190 -9.98 -19.92 45.25
CA GLU A 190 -10.59 -18.59 45.25
C GLU A 190 -10.34 -17.78 43.97
N SER A 191 -9.94 -18.43 42.88
CA SER A 191 -9.77 -17.73 41.60
C SER A 191 -11.08 -17.13 41.11
N LYS A 192 -12.03 -18.00 40.76
CA LYS A 192 -13.34 -17.57 40.30
C LYS A 192 -13.89 -16.43 41.19
N THR A 193 -13.81 -16.60 42.51
CA THR A 193 -14.40 -15.63 43.46
C THR A 193 -13.68 -14.28 43.47
N VAL A 194 -12.36 -14.32 43.65
CA VAL A 194 -11.57 -13.10 43.77
C VAL A 194 -11.49 -12.33 42.46
N ILE A 195 -11.30 -13.02 41.34
CA ILE A 195 -11.24 -12.33 40.05
C ILE A 195 -12.58 -11.74 39.68
N GLY A 196 -13.66 -12.49 39.95
CA GLY A 196 -15.02 -11.96 39.79
C GLY A 196 -15.20 -10.59 40.41
N ASN A 197 -14.94 -10.49 41.72
CA ASN A 197 -15.06 -9.21 42.44
C ASN A 197 -14.09 -8.16 41.94
N LEU A 198 -12.92 -8.61 41.47
CA LEU A 198 -11.92 -7.72 40.89
C LEU A 198 -12.41 -7.16 39.55
N LYS A 199 -12.96 -8.03 38.71
CA LYS A 199 -13.47 -7.62 37.39
C LYS A 199 -14.66 -6.67 37.44
N GLN A 200 -15.36 -6.56 38.58
CA GLN A 200 -16.49 -5.64 38.69
C GLN A 200 -16.16 -4.37 39.46
N LYS A 201 -15.19 -4.46 40.39
CA LYS A 201 -14.69 -3.26 41.04
C LYS A 201 -13.94 -2.38 40.01
N PHE A 202 -13.21 -3.03 39.10
CA PHE A 202 -12.40 -2.34 38.10
C PHE A 202 -12.79 -2.72 36.66
N LYS A 203 -14.08 -2.93 36.45
CA LYS A 203 -14.61 -3.04 35.10
C LYS A 203 -14.40 -1.70 34.38
N ASN A 204 -14.03 -1.75 33.10
CA ASN A 204 -13.69 -0.54 32.33
C ASN A 204 -12.71 0.41 33.04
N LYS A 205 -11.81 -0.12 33.85
CA LYS A 205 -10.75 0.66 34.49
C LYS A 205 -9.37 -0.02 34.41
N LEU A 206 -9.36 -1.32 34.16
CA LEU A 206 -8.14 -2.13 34.06
C LEU A 206 -8.39 -3.31 33.14
N THR A 207 -7.32 -3.76 32.49
CA THR A 207 -7.29 -5.04 31.80
C THR A 207 -6.97 -6.14 32.82
N ILE A 208 -7.87 -7.09 32.99
CA ILE A 208 -7.63 -8.21 33.90
C ILE A 208 -7.74 -9.53 33.15
N PHE A 209 -6.61 -10.14 32.87
CA PHE A 209 -6.59 -11.48 32.29
C PHE A 209 -6.42 -12.52 33.39
N THR A 210 -6.89 -13.74 33.10
CA THR A 210 -6.76 -14.88 33.98
C THR A 210 -5.75 -15.85 33.39
N THR A 211 -4.73 -16.19 34.16
CA THR A 211 -3.65 -17.10 33.73
C THR A 211 -4.23 -18.50 33.58
N TYR A 212 -3.51 -19.36 32.86
CA TYR A 212 -3.84 -20.77 32.78
C TYR A 212 -4.03 -21.47 34.14
N ASN A 213 -3.32 -21.00 35.17
CA ASN A 213 -3.44 -21.52 36.53
C ASN A 213 -4.38 -20.69 37.43
N GLY A 214 -5.22 -19.87 36.82
CA GLY A 214 -6.24 -19.09 37.55
C GLY A 214 -5.72 -17.90 38.33
N HIS A 215 -4.53 -17.41 37.95
CA HIS A 215 -3.97 -16.20 38.55
C HIS A 215 -4.44 -14.97 37.77
N ALA A 216 -4.43 -13.81 38.41
CA ALA A 216 -4.87 -12.56 37.74
C ALA A 216 -3.68 -11.72 37.29
N GLU A 217 -3.60 -11.43 35.99
CA GLU A 217 -2.64 -10.49 35.45
C GLU A 217 -3.35 -9.17 35.19
N VAL A 218 -2.95 -8.12 35.92
CA VAL A 218 -3.60 -6.81 35.86
C VAL A 218 -2.73 -5.79 35.12
N THR A 219 -3.22 -5.27 33.99
CA THR A 219 -2.50 -4.25 33.21
C THR A 219 -3.41 -3.06 32.91
N LYS A 220 -2.83 -2.00 32.36
CA LYS A 220 -3.57 -0.80 31.96
C LYS A 220 -4.71 -1.13 30.98
N LEU A 221 -5.80 -0.37 31.06
CA LEU A 221 -6.97 -0.59 30.20
C LEU A 221 -6.65 -0.23 28.77
N GLY A 222 -7.26 -0.96 27.83
CA GLY A 222 -7.11 -0.67 26.40
C GLY A 222 -5.86 -1.23 25.75
N HIS A 223 -5.11 -2.03 26.49
CA HIS A 223 -3.89 -2.67 25.96
C HIS A 223 -3.96 -4.19 26.01
N ASP A 224 -3.47 -4.82 24.94
CA ASP A 224 -3.21 -6.25 24.96
C ASP A 224 -2.03 -6.55 24.01
N LYS A 225 -1.74 -7.82 23.79
CA LYS A 225 -0.67 -8.20 22.88
C LYS A 225 -0.89 -7.62 21.48
N TYR A 226 -2.12 -7.66 21.00
CA TYR A 226 -2.45 -7.14 19.65
C TYR A 226 -2.11 -5.64 19.45
N THR A 227 -2.50 -4.79 20.42
CA THR A 227 -2.27 -3.35 20.28
C THR A 227 -0.81 -3.03 20.38
N GLY A 228 -0.09 -3.78 21.20
CA GLY A 228 1.37 -3.67 21.32
C GLY A 228 2.05 -4.11 20.04
N ILE A 229 1.65 -5.28 19.52
CA ILE A 229 2.15 -5.79 18.23
C ILE A 229 2.03 -4.77 17.10
N ASN A 230 0.98 -3.95 17.13
CA ASN A 230 0.74 -2.98 16.06
C ASN A 230 1.84 -1.91 15.97
N TYR A 231 2.48 -1.62 17.11
CA TYR A 231 3.66 -0.73 17.08
C TYR A 231 4.75 -1.30 16.19
N LEU A 232 4.97 -2.63 16.27
CA LEU A 232 5.98 -3.30 15.45
C LEU A 232 5.59 -3.34 13.98
N LEU A 233 4.30 -3.54 13.72
CA LEU A 233 3.80 -3.51 12.34
C LEU A 233 4.01 -2.15 11.70
N LYS A 234 3.70 -1.10 12.45
CA LYS A 234 3.85 0.27 11.99
C LYS A 234 5.31 0.66 11.85
N HIS A 235 6.12 0.30 12.85
CA HIS A 235 7.54 0.66 12.86
C HIS A 235 8.28 0.05 11.66
N TYR A 236 7.91 -1.17 11.28
CA TYR A 236 8.59 -1.90 10.21
C TYR A 236 7.71 -2.06 8.99
N ASN A 237 6.59 -1.36 8.94
CA ASN A 237 5.68 -1.46 7.79
C ASN A 237 5.34 -2.90 7.33
N ILE A 238 5.12 -3.78 8.29
CA ILE A 238 4.75 -5.17 8.01
C ILE A 238 3.24 -5.27 8.02
N SER A 239 2.67 -5.84 6.96
CA SER A 239 1.21 -5.94 6.84
C SER A 239 0.69 -7.19 7.58
N ASN A 240 -0.59 -7.18 7.91
CA ASN A 240 -1.25 -8.30 8.57
C ASN A 240 -1.07 -9.62 7.79
N ASP A 241 -1.34 -9.59 6.49
CA ASP A 241 -0.97 -10.66 5.55
C ASP A 241 0.33 -11.38 5.91
N GLN A 242 1.33 -10.62 6.37
CA GLN A 242 2.68 -11.15 6.55
C GLN A 242 2.99 -11.63 7.96
N VAL A 243 1.99 -11.65 8.82
CA VAL A 243 2.21 -11.95 10.23
C VAL A 243 1.70 -13.34 10.55
N LEU A 244 2.59 -14.20 11.06
CA LEU A 244 2.17 -15.50 11.60
C LEU A 244 2.29 -15.52 13.11
N VAL A 245 1.22 -15.97 13.76
CA VAL A 245 1.10 -15.88 15.21
C VAL A 245 0.62 -17.22 15.80
N VAL A 246 1.08 -17.53 17.01
CA VAL A 246 0.73 -18.78 17.67
C VAL A 246 0.58 -18.57 19.20
N GLY A 247 -0.44 -19.18 19.79
CA GLY A 247 -0.76 -18.95 21.20
C GLY A 247 -1.68 -19.97 21.83
N ASP A 248 -2.16 -19.70 23.04
CA ASP A 248 -2.84 -20.73 23.82
C ASP A 248 -3.92 -20.28 24.80
N ALA A 249 -3.87 -19.03 25.25
CA ALA A 249 -4.65 -18.61 26.40
C ALA A 249 -5.49 -17.35 26.15
N GLU A 250 -6.15 -16.86 27.21
CA GLU A 250 -7.00 -15.69 27.15
C GLU A 250 -6.28 -14.42 26.62
N ASN A 251 -5.04 -14.22 27.05
CA ASN A 251 -4.27 -13.03 26.63
C ASN A 251 -3.69 -13.13 25.22
N ASP A 252 -4.00 -14.21 24.50
CA ASP A 252 -3.61 -14.38 23.10
C ASP A 252 -4.78 -14.17 22.13
N ILE A 253 -5.99 -14.11 22.63
CA ILE A 253 -7.17 -14.19 21.77
C ILE A 253 -7.30 -13.06 20.74
N ALA A 254 -6.96 -11.84 21.15
CA ALA A 254 -7.05 -10.70 20.24
C ALA A 254 -6.05 -10.80 19.12
N MET A 255 -4.88 -11.38 19.37
CA MET A 255 -3.91 -11.53 18.30
C MET A 255 -4.20 -12.76 17.45
N LEU A 256 -4.87 -13.76 18.02
CA LEU A 256 -5.29 -14.93 17.24
C LEU A 256 -6.51 -14.61 16.34
N SER A 257 -7.39 -13.73 16.81
CA SER A 257 -8.59 -13.34 16.06
C SER A 257 -8.28 -12.42 14.88
N ASN A 258 -7.43 -11.42 15.11
CA ASN A 258 -7.19 -10.37 14.10
C ASN A 258 -6.10 -10.67 13.08
N PHE A 259 -5.44 -11.80 13.21
CA PHE A 259 -4.45 -12.20 12.23
C PHE A 259 -4.93 -13.40 11.43
N LYS A 260 -4.38 -13.55 10.22
CA LYS A 260 -4.85 -14.55 9.27
C LYS A 260 -4.17 -15.87 9.48
N TYR A 261 -2.85 -15.84 9.62
CA TYR A 261 -2.09 -17.07 9.85
C TYR A 261 -1.88 -17.25 11.34
N SER A 262 -3.00 -17.50 12.04
CA SER A 262 -3.00 -17.62 13.50
C SER A 262 -3.24 -19.06 13.88
N PHE A 263 -2.44 -19.53 14.80
CA PHE A 263 -2.43 -20.94 15.17
C PHE A 263 -2.51 -21.13 16.67
N ALA A 264 -3.41 -22.00 17.11
CA ALA A 264 -3.49 -22.37 18.53
C ALA A 264 -2.89 -23.75 18.75
N VAL A 265 -2.03 -23.86 19.75
CA VAL A 265 -1.45 -25.16 20.10
C VAL A 265 -2.55 -26.15 20.52
N ALA A 266 -2.24 -27.43 20.36
CA ALA A 266 -3.15 -28.52 20.78
C ALA A 266 -3.62 -28.35 22.22
N ASN A 267 -2.73 -27.86 23.09
CA ASN A 267 -3.08 -27.62 24.50
C ASN A 267 -3.75 -26.27 24.77
N ALA A 268 -4.15 -25.55 23.72
CA ALA A 268 -4.73 -24.23 23.91
C ALA A 268 -6.07 -24.32 24.61
N THR A 269 -6.49 -23.21 25.19
CA THR A 269 -7.79 -23.12 25.82
C THR A 269 -8.86 -23.08 24.74
N ASP A 270 -10.07 -23.54 25.05
CA ASP A 270 -11.13 -23.66 24.04
C ASP A 270 -11.37 -22.37 23.29
N SER A 271 -11.34 -21.26 24.02
CA SER A 271 -11.51 -19.95 23.43
C SER A 271 -10.43 -19.64 22.38
N ALA A 272 -9.17 -19.88 22.76
CA ALA A 272 -8.05 -19.63 21.86
C ALA A 272 -8.12 -20.51 20.63
N LYS A 273 -8.53 -21.76 20.82
CA LYS A 273 -8.65 -22.72 19.71
C LYS A 273 -9.65 -22.26 18.64
N SER A 274 -10.76 -21.66 19.07
CA SER A 274 -11.81 -21.21 18.15
C SER A 274 -11.48 -19.86 17.50
N HIS A 275 -10.80 -18.98 18.24
CA HIS A 275 -10.50 -17.64 17.72
C HIS A 275 -9.37 -17.68 16.70
N ALA A 276 -8.51 -18.69 16.82
CA ALA A 276 -7.44 -18.93 15.86
C ALA A 276 -8.01 -19.51 14.57
N LYS A 277 -7.22 -19.48 13.51
CA LYS A 277 -7.64 -20.04 12.21
C LYS A 277 -7.59 -21.54 12.27
N CYS A 278 -6.56 -22.04 12.95
CA CYS A 278 -6.20 -23.43 12.86
C CYS A 278 -5.58 -23.92 14.15
N VAL A 279 -6.06 -25.06 14.64
CA VAL A 279 -5.54 -25.69 15.83
C VAL A 279 -4.43 -26.65 15.39
N LEU A 280 -3.27 -26.56 16.02
CA LEU A 280 -2.17 -27.45 15.66
C LEU A 280 -2.47 -28.88 16.13
N PRO A 281 -2.00 -29.88 15.37
CA PRO A 281 -2.20 -31.26 15.82
C PRO A 281 -1.22 -31.66 16.93
N VAL A 282 -0.32 -30.76 17.30
CA VAL A 282 0.75 -31.08 18.21
C VAL A 282 0.73 -30.06 19.37
N SER A 283 1.16 -30.49 20.55
CA SER A 283 1.09 -29.64 21.74
C SER A 283 2.45 -29.00 22.03
N HIS A 284 2.46 -28.06 22.97
CA HIS A 284 3.68 -27.29 23.25
C HIS A 284 4.85 -28.17 23.70
N ARG A 285 4.60 -29.20 24.52
CA ARG A 285 5.67 -30.11 24.93
C ARG A 285 6.12 -31.05 23.79
N GLU A 286 5.19 -31.37 22.89
CA GLU A 286 5.54 -32.13 21.69
C GLU A 286 6.25 -31.26 20.64
N GLY A 287 6.53 -29.99 20.95
CA GLY A 287 7.32 -29.12 20.08
C GLY A 287 6.53 -28.42 18.98
N ALA A 288 5.45 -27.74 19.36
CA ALA A 288 4.51 -27.14 18.39
C ALA A 288 5.05 -25.95 17.62
N VAL A 289 5.89 -25.15 18.25
CA VAL A 289 6.53 -24.02 17.56
C VAL A 289 7.47 -24.57 16.48
N ALA A 290 8.37 -25.45 16.89
CA ALA A 290 9.23 -26.17 15.94
C ALA A 290 8.42 -26.74 14.76
N TYR A 291 7.33 -27.44 15.09
CA TYR A 291 6.43 -28.03 14.10
C TYR A 291 5.86 -27.02 13.11
N LEU A 292 5.38 -25.89 13.63
CA LEU A 292 4.79 -24.87 12.79
C LEU A 292 5.83 -24.14 11.96
N LEU A 293 6.95 -23.76 12.55
CA LEU A 293 7.99 -23.02 11.82
C LEU A 293 8.56 -23.85 10.66
N LYS A 294 8.68 -25.17 10.86
CA LYS A 294 9.13 -26.07 9.80
C LYS A 294 8.18 -26.00 8.58
N LYS A 295 6.88 -25.99 8.86
CA LYS A 295 5.90 -25.90 7.78
C LYS A 295 5.88 -24.52 7.12
N VAL A 296 6.22 -23.48 7.89
CA VAL A 296 6.38 -22.14 7.34
C VAL A 296 7.64 -22.05 6.48
N PHE A 297 8.73 -22.68 6.93
CA PHE A 297 10.01 -22.63 6.21
C PHE A 297 9.92 -23.20 4.81
N ASP A 298 9.24 -24.35 4.65
CA ASP A 298 9.20 -25.00 3.34
C ASP A 298 8.12 -24.44 2.40
N LEU A 299 7.42 -23.39 2.82
CA LEU A 299 6.73 -22.53 1.85
C LEU A 299 7.77 -21.90 0.92
N LYS A 300 8.94 -21.52 1.44
CA LYS A 300 9.98 -20.85 0.64
C LYS A 300 10.96 -21.88 0.07
N LYS B 17 -26.07 7.50 38.89
CA LYS B 17 -25.37 6.37 38.19
C LYS B 17 -24.45 6.86 37.08
N VAL B 18 -24.97 7.74 36.22
CA VAL B 18 -24.17 8.37 35.17
C VAL B 18 -23.16 9.37 35.76
N GLU B 19 -23.64 10.26 36.64
CA GLU B 19 -22.78 11.26 37.27
C GLU B 19 -21.63 10.62 38.05
N GLU B 20 -21.91 9.49 38.68
CA GLU B 20 -20.91 8.74 39.41
C GLU B 20 -19.88 8.14 38.48
N ALA B 21 -20.33 7.57 37.36
CA ALA B 21 -19.41 6.99 36.36
C ALA B 21 -18.53 8.04 35.68
N LEU B 22 -18.97 9.29 35.69
CA LEU B 22 -18.31 10.39 35.03
C LEU B 22 -17.40 11.18 35.98
N LYS B 23 -17.61 11.02 37.28
CA LYS B 23 -16.86 11.78 38.29
C LYS B 23 -15.37 11.69 38.02
N GLY B 24 -14.70 12.84 38.12
CA GLY B 24 -13.24 12.92 37.99
C GLY B 24 -12.68 12.88 36.58
N ALA B 25 -13.55 12.85 35.57
CA ALA B 25 -13.09 12.76 34.18
C ALA B 25 -12.61 14.12 33.65
N ASP B 26 -11.38 14.15 33.13
CA ASP B 26 -10.87 15.31 32.38
C ASP B 26 -10.99 15.01 30.86
N ILE B 27 -12.17 15.28 30.32
CA ILE B 27 -12.53 14.81 28.99
C ILE B 27 -12.20 15.81 27.88
N LYS B 28 -11.40 15.36 26.91
CA LYS B 28 -10.97 16.19 25.79
C LYS B 28 -11.51 15.75 24.42
N LEU B 29 -11.88 14.46 24.31
CA LEU B 29 -12.31 13.86 23.02
C LEU B 29 -13.66 13.17 23.23
N LEU B 30 -14.63 13.53 22.39
CA LEU B 30 -15.94 12.88 22.43
C LEU B 30 -16.10 11.99 21.22
N LEU B 31 -16.16 10.68 21.44
CA LEU B 31 -16.33 9.72 20.36
C LEU B 31 -17.77 9.21 20.29
N ILE B 32 -18.47 9.56 19.22
CA ILE B 32 -19.90 9.26 19.12
C ILE B 32 -20.25 8.29 18.00
N ASP B 33 -20.89 7.19 18.35
CA ASP B 33 -21.48 6.30 17.34
C ASP B 33 -22.58 7.06 16.56
N PHE B 34 -22.82 6.69 15.31
CA PHE B 34 -23.85 7.37 14.52
C PHE B 34 -25.19 6.66 14.62
N ASP B 35 -25.38 5.59 13.86
CA ASP B 35 -26.68 4.91 13.89
C ASP B 35 -26.93 4.24 15.23
N GLY B 36 -28.14 4.44 15.74
CA GLY B 36 -28.57 3.83 17.00
C GLY B 36 -28.19 4.65 18.22
N THR B 37 -27.52 5.77 18.00
CA THR B 37 -26.96 6.59 19.08
C THR B 37 -27.23 8.07 18.80
N LEU B 38 -26.55 8.62 17.79
CA LEU B 38 -26.72 10.00 17.38
C LEU B 38 -27.88 10.14 16.38
N PHE B 39 -28.00 9.14 15.51
CA PHE B 39 -29.02 9.07 14.47
C PHE B 39 -30.07 8.04 14.88
N VAL B 40 -31.34 8.43 14.83
CA VAL B 40 -32.43 7.58 15.29
C VAL B 40 -33.12 6.82 14.15
N ASP B 41 -33.54 7.51 13.09
CA ASP B 41 -34.19 6.84 11.97
C ASP B 41 -34.30 7.74 10.76
N LYS B 42 -34.76 7.17 9.63
CA LYS B 42 -35.09 7.93 8.41
C LYS B 42 -35.77 9.31 8.68
N ASP B 43 -36.67 9.34 9.65
CA ASP B 43 -37.52 10.50 9.93
C ASP B 43 -36.92 11.49 10.92
N ILE B 44 -36.58 10.99 12.12
CA ILE B 44 -35.98 11.82 13.16
C ILE B 44 -34.54 12.18 12.82
N LYS B 45 -33.82 11.23 12.22
CA LYS B 45 -32.40 11.41 11.90
C LYS B 45 -31.68 11.81 13.19
N VAL B 46 -30.90 12.91 13.14
CA VAL B 46 -30.25 13.41 14.32
C VAL B 46 -31.11 14.55 14.90
N PRO B 47 -31.73 14.31 16.06
CA PRO B 47 -32.55 15.33 16.74
C PRO B 47 -31.83 16.65 16.94
N SER B 48 -32.54 17.76 16.83
CA SER B 48 -31.95 19.08 17.04
C SER B 48 -31.30 19.24 18.43
N GLU B 49 -31.77 18.50 19.42
CA GLU B 49 -31.16 18.46 20.76
C GLU B 49 -29.70 17.97 20.71
N ASN B 50 -29.45 16.96 19.86
CA ASN B 50 -28.09 16.45 19.65
C ASN B 50 -27.22 17.41 18.82
N ILE B 51 -27.82 18.10 17.87
CA ILE B 51 -27.08 19.04 17.04
C ILE B 51 -26.58 20.16 17.93
N ASP B 52 -27.46 20.64 18.80
CA ASP B 52 -27.10 21.63 19.82
C ASP B 52 -25.97 21.15 20.73
N ALA B 53 -26.08 19.90 21.19
CA ALA B 53 -25.08 19.35 22.13
C ALA B 53 -23.68 19.36 21.51
N ILE B 54 -23.59 18.99 20.23
CA ILE B 54 -22.30 19.01 19.55
C ILE B 54 -21.86 20.45 19.29
N LYS B 55 -22.79 21.29 18.83
CA LYS B 55 -22.54 22.73 18.67
C LYS B 55 -21.84 23.30 19.91
N GLU B 56 -22.46 23.12 21.08
CA GLU B 56 -21.86 23.60 22.35
C GLU B 56 -20.52 22.90 22.63
N ALA B 57 -20.45 21.60 22.34
CA ALA B 57 -19.22 20.85 22.56
C ALA B 57 -18.05 21.53 21.86
N ILE B 58 -18.23 21.82 20.57
CA ILE B 58 -17.18 22.42 19.74
C ILE B 58 -16.86 23.87 20.17
N GLU B 59 -17.86 24.58 20.67
CA GLU B 59 -17.65 25.90 21.25
C GLU B 59 -16.89 25.86 22.57
N LYS B 60 -17.05 24.77 23.33
CA LYS B 60 -16.39 24.65 24.64
C LYS B 60 -15.00 24.00 24.58
N GLY B 61 -14.53 23.67 23.39
CA GLY B 61 -13.16 23.17 23.20
C GLY B 61 -12.99 21.67 23.02
N TYR B 62 -14.08 20.91 23.04
CA TYR B 62 -14.01 19.47 22.87
C TYR B 62 -13.79 19.09 21.41
N MET B 63 -12.85 18.18 21.16
CA MET B 63 -12.71 17.53 19.88
C MET B 63 -13.84 16.50 19.77
N VAL B 64 -14.56 16.54 18.66
CA VAL B 64 -15.64 15.60 18.40
C VAL B 64 -15.23 14.74 17.22
N SER B 65 -15.40 13.43 17.35
CA SER B 65 -15.20 12.51 16.25
C SER B 65 -16.32 11.50 16.24
N ILE B 66 -16.97 11.35 15.09
CA ILE B 66 -18.01 10.38 14.96
C ILE B 66 -17.32 9.08 14.57
N CYS B 67 -17.82 7.96 15.09
CA CYS B 67 -17.17 6.67 14.87
C CYS B 67 -18.21 5.70 14.36
N THR B 68 -18.15 5.38 13.07
CA THR B 68 -19.28 4.73 12.40
C THR B 68 -18.85 3.66 11.39
N GLY B 69 -19.80 2.81 11.03
CA GLY B 69 -19.61 1.92 9.90
C GLY B 69 -19.82 2.66 8.59
N ARG B 70 -20.47 3.82 8.66
CA ARG B 70 -20.76 4.65 7.50
C ARG B 70 -19.52 5.38 7.01
N SER B 71 -19.65 6.01 5.86
CA SER B 71 -18.62 6.87 5.31
C SER B 71 -18.86 8.30 5.82
N LYS B 72 -17.92 9.20 5.51
CA LYS B 72 -18.07 10.61 5.86
C LYS B 72 -19.23 11.25 5.11
N VAL B 73 -19.29 11.04 3.80
CA VAL B 73 -20.36 11.61 2.99
C VAL B 73 -21.72 11.08 3.46
N GLY B 74 -21.76 9.80 3.84
CA GLY B 74 -22.96 9.20 4.36
C GLY B 74 -23.42 9.92 5.61
N ILE B 75 -22.45 10.27 6.44
CA ILE B 75 -22.74 10.95 7.69
C ILE B 75 -23.11 12.42 7.44
N LEU B 76 -22.43 13.06 6.49
CA LEU B 76 -22.74 14.43 6.15
C LEU B 76 -24.11 14.57 5.46
N SER B 77 -24.50 13.59 4.65
CA SER B 77 -25.85 13.62 4.02
C SER B 77 -26.99 13.44 5.02
N ALA B 78 -26.78 12.60 6.03
CA ALA B 78 -27.79 12.41 7.05
C ALA B 78 -27.91 13.64 7.94
N PHE B 79 -26.80 14.30 8.21
CA PHE B 79 -26.81 15.54 8.98
C PHE B 79 -27.56 16.68 8.28
N GLY B 80 -27.22 16.92 7.01
CA GLY B 80 -27.75 18.03 6.24
C GLY B 80 -26.81 19.21 6.28
N GLU B 81 -26.79 20.00 5.20
CA GLU B 81 -25.91 21.17 5.09
C GLU B 81 -26.18 22.19 6.21
N GLU B 82 -27.46 22.41 6.50
CA GLU B 82 -27.86 23.39 7.52
C GLU B 82 -27.28 23.03 8.90
N ASN B 83 -27.50 21.78 9.34
CA ASN B 83 -26.93 21.27 10.61
C ASN B 83 -25.39 21.34 10.69
N LEU B 84 -24.71 21.08 9.57
CA LEU B 84 -23.25 21.21 9.54
C LEU B 84 -22.85 22.66 9.83
N LYS B 85 -23.49 23.60 9.14
CA LYS B 85 -23.25 25.05 9.36
C LYS B 85 -23.63 25.40 10.80
N LYS B 86 -24.74 24.85 11.27
CA LYS B 86 -25.16 25.09 12.65
C LYS B 86 -24.11 24.63 13.66
N MET B 87 -23.67 23.38 13.55
CA MET B 87 -22.64 22.81 14.46
C MET B 87 -21.25 23.40 14.29
N ASN B 88 -20.91 23.82 13.08
CA ASN B 88 -19.51 24.04 12.67
C ASN B 88 -18.68 22.75 12.78
N PHE B 89 -19.23 21.67 12.21
CA PHE B 89 -18.60 20.35 12.21
C PHE B 89 -18.81 19.71 10.85
N TYR B 90 -17.75 19.13 10.29
CA TYR B 90 -17.80 18.59 8.93
C TYR B 90 -17.22 17.19 8.87
N GLY B 91 -17.33 16.45 9.96
CA GLY B 91 -16.88 15.05 10.00
C GLY B 91 -15.38 14.91 10.07
N MET B 92 -14.72 15.96 10.54
CA MET B 92 -13.27 15.97 10.72
C MET B 92 -12.96 16.43 12.14
N PRO B 93 -12.29 15.58 12.93
CA PRO B 93 -11.86 14.22 12.60
C PRO B 93 -13.02 13.25 12.61
N GLY B 94 -12.75 12.02 12.19
CA GLY B 94 -13.77 10.99 12.18
C GLY B 94 -13.20 9.62 11.92
N VAL B 95 -13.83 8.61 12.51
CA VAL B 95 -13.49 7.22 12.23
C VAL B 95 -14.63 6.60 11.44
N TYR B 96 -14.33 6.16 10.22
CA TYR B 96 -15.34 5.76 9.27
C TYR B 96 -15.08 4.36 8.77
N ILE B 97 -16.14 3.74 8.26
CA ILE B 97 -16.09 2.40 7.70
C ILE B 97 -15.43 1.47 8.72
N ASN B 98 -16.00 1.47 9.92
CA ASN B 98 -15.56 0.61 11.01
C ASN B 98 -14.05 0.71 11.22
N GLY B 99 -13.53 1.93 11.11
CA GLY B 99 -12.15 2.20 11.42
C GLY B 99 -11.13 1.93 10.33
N THR B 100 -11.60 1.70 9.10
CA THR B 100 -10.70 1.49 7.97
C THR B 100 -10.39 2.81 7.25
N ILE B 101 -11.18 3.85 7.51
CA ILE B 101 -10.85 5.20 7.04
C ILE B 101 -10.88 6.16 8.21
N VAL B 102 -9.80 6.93 8.38
CA VAL B 102 -9.72 7.91 9.46
C VAL B 102 -9.14 9.20 8.93
N TYR B 103 -9.89 10.28 9.09
CA TYR B 103 -9.43 11.61 8.76
C TYR B 103 -9.03 12.33 10.04
N ASP B 104 -8.07 13.26 9.91
CA ASP B 104 -7.75 14.12 11.04
C ASP B 104 -8.65 15.36 11.00
N GLN B 105 -8.37 16.34 11.86
CA GLN B 105 -9.25 17.51 12.01
C GLN B 105 -9.30 18.40 10.76
N ILE B 106 -8.25 18.38 9.94
CA ILE B 106 -8.17 19.20 8.73
C ILE B 106 -8.29 18.36 7.44
N GLY B 107 -8.68 17.10 7.58
CA GLY B 107 -9.00 16.25 6.42
C GLY B 107 -7.89 15.36 5.89
N TYR B 108 -6.74 15.34 6.55
CA TYR B 108 -5.69 14.43 6.13
C TYR B 108 -6.10 12.98 6.35
N THR B 109 -5.81 12.12 5.37
CA THR B 109 -6.15 10.71 5.44
C THR B 109 -5.09 9.96 6.24
N LEU B 110 -5.35 9.77 7.53
CA LEU B 110 -4.43 9.09 8.42
C LEU B 110 -4.40 7.60 8.11
N LEU B 111 -5.53 7.08 7.63
CA LEU B 111 -5.67 5.67 7.31
C LEU B 111 -6.67 5.47 6.19
N ASP B 112 -6.35 4.58 5.26
CA ASP B 112 -7.31 4.11 4.24
C ASP B 112 -7.03 2.65 3.88
N GLU B 113 -7.63 1.73 4.63
CA GLU B 113 -7.36 0.32 4.45
C GLU B 113 -8.44 -0.36 3.62
N THR B 114 -8.03 -1.01 2.53
CA THR B 114 -8.92 -1.75 1.67
C THR B 114 -8.65 -3.22 1.90
N ILE B 115 -9.60 -4.06 1.56
CA ILE B 115 -9.43 -5.50 1.68
C ILE B 115 -8.36 -6.03 0.69
N GLU B 116 -7.54 -6.96 1.16
CA GLU B 116 -6.48 -7.59 0.35
C GLU B 116 -7.06 -8.21 -0.91
N THR B 117 -6.41 -7.96 -2.04
CA THR B 117 -7.00 -8.28 -3.33
C THR B 117 -7.36 -9.76 -3.42
N ASP B 118 -6.43 -10.63 -3.04
CA ASP B 118 -6.69 -12.08 -3.08
C ASP B 118 -7.95 -12.43 -2.28
N VAL B 119 -7.99 -12.01 -1.01
CA VAL B 119 -9.16 -12.24 -0.18
C VAL B 119 -10.40 -11.63 -0.84
N TYR B 120 -10.25 -10.42 -1.38
CA TYR B 120 -11.40 -9.74 -2.00
C TYR B 120 -11.91 -10.52 -3.23
N ALA B 121 -10.98 -11.09 -3.99
CA ALA B 121 -11.33 -11.95 -5.13
C ALA B 121 -12.02 -13.21 -4.65
N GLU B 122 -11.58 -13.72 -3.51
CA GLU B 122 -12.21 -14.90 -2.97
C GLU B 122 -13.62 -14.56 -2.51
N LEU B 123 -13.78 -13.35 -2.00
CA LEU B 123 -15.08 -12.88 -1.52
C LEU B 123 -16.09 -12.66 -2.65
N ILE B 124 -15.71 -11.91 -3.68
CA ILE B 124 -16.60 -11.71 -4.83
C ILE B 124 -16.99 -13.06 -5.44
N SER B 125 -16.03 -13.96 -5.51
CA SER B 125 -16.26 -15.30 -6.02
C SER B 125 -17.29 -16.04 -5.16
N TYR B 126 -17.20 -15.89 -3.84
CA TYR B 126 -18.18 -16.51 -2.94
C TYR B 126 -19.56 -15.87 -3.13
N LEU B 127 -19.59 -14.54 -3.17
CA LEU B 127 -20.82 -13.78 -3.33
C LEU B 127 -21.58 -14.08 -4.62
N VAL B 128 -20.84 -14.48 -5.66
CA VAL B 128 -21.44 -14.90 -6.91
C VAL B 128 -22.06 -16.31 -6.74
N GLU B 129 -21.24 -17.30 -6.41
CA GLU B 129 -21.76 -18.65 -6.18
C GLU B 129 -22.87 -18.65 -5.11
N LYS B 130 -22.76 -17.83 -4.08
CA LYS B 130 -23.85 -17.72 -3.10
C LYS B 130 -24.96 -16.75 -3.56
N ASN B 131 -24.79 -16.13 -4.72
CA ASN B 131 -25.81 -15.28 -5.35
C ASN B 131 -26.26 -14.09 -4.50
N LEU B 132 -25.29 -13.36 -3.94
CA LEU B 132 -25.56 -12.24 -3.03
C LEU B 132 -25.03 -10.90 -3.53
N VAL B 133 -24.46 -10.87 -4.73
CA VAL B 133 -23.92 -9.64 -5.30
C VAL B 133 -25.04 -8.64 -5.60
N ASN B 134 -26.13 -9.13 -6.17
CA ASN B 134 -27.27 -8.27 -6.52
C ASN B 134 -28.04 -7.77 -5.28
N GLN B 135 -27.52 -8.01 -4.08
CA GLN B 135 -28.03 -7.33 -2.89
C GLN B 135 -26.89 -6.87 -1.97
N THR B 136 -25.76 -6.53 -2.58
CA THR B 136 -24.60 -6.01 -1.84
C THR B 136 -24.29 -4.56 -2.24
N ILE B 137 -24.06 -3.71 -1.23
CA ILE B 137 -23.53 -2.37 -1.47
C ILE B 137 -22.00 -2.38 -1.37
N PHE B 138 -21.36 -1.91 -2.44
CA PHE B 138 -19.91 -1.96 -2.56
C PHE B 138 -19.34 -0.57 -2.26
N HIS B 139 -18.51 -0.47 -1.22
CA HIS B 139 -18.00 0.82 -0.75
C HIS B 139 -16.50 0.98 -1.00
N ARG B 140 -16.12 2.11 -1.62
CA ARG B 140 -14.72 2.50 -1.75
C ARG B 140 -14.62 3.99 -1.51
N GLY B 141 -13.86 4.38 -0.50
CA GLY B 141 -13.68 5.80 -0.17
C GLY B 141 -14.98 6.45 0.24
N GLU B 142 -15.35 7.50 -0.47
CA GLU B 142 -16.61 8.21 -0.21
C GLU B 142 -17.70 7.87 -1.22
N SER B 143 -17.61 6.69 -1.82
CA SER B 143 -18.58 6.26 -2.82
C SER B 143 -19.01 4.83 -2.56
N ASN B 144 -20.24 4.54 -2.97
CA ASN B 144 -20.76 3.18 -2.92
C ASN B 144 -21.56 2.82 -4.16
N TYR B 145 -21.63 1.53 -4.41
CA TYR B 145 -22.03 1.03 -5.70
C TYR B 145 -22.94 -0.16 -5.54
N VAL B 146 -23.91 -0.26 -6.43
CA VAL B 146 -24.73 -1.46 -6.55
C VAL B 146 -24.96 -1.84 -8.01
N THR B 147 -25.41 -3.07 -8.20
CA THR B 147 -25.57 -3.62 -9.52
C THR B 147 -26.93 -3.20 -10.12
N GLU B 148 -27.03 -3.20 -11.45
CA GLU B 148 -28.27 -2.91 -12.19
C GLU B 148 -29.47 -3.73 -11.69
N ASP B 149 -29.22 -5.00 -11.33
CA ASP B 149 -30.24 -5.92 -10.82
C ASP B 149 -30.44 -5.84 -9.30
N ASN B 150 -30.03 -4.76 -8.66
CA ASN B 150 -30.22 -4.62 -7.23
C ASN B 150 -31.58 -3.98 -6.95
N LYS B 151 -32.42 -4.70 -6.20
CA LYS B 151 -33.78 -4.24 -5.89
C LYS B 151 -33.76 -3.17 -4.78
N TYR B 152 -32.68 -3.13 -4.01
CA TYR B 152 -32.48 -2.14 -2.96
C TYR B 152 -31.52 -1.03 -3.40
N ALA B 153 -31.66 -0.53 -4.62
CA ALA B 153 -30.77 0.55 -5.08
C ALA B 153 -31.02 1.84 -4.30
N ASP B 154 -32.26 2.00 -3.81
CA ASP B 154 -32.68 3.18 -3.07
C ASP B 154 -32.39 3.09 -1.54
N PHE B 155 -31.80 1.98 -1.11
CA PHE B 155 -31.76 1.57 0.32
C PHE B 155 -31.07 2.51 1.34
N LEU B 156 -29.87 2.99 1.03
CA LEU B 156 -29.15 3.89 1.94
C LEU B 156 -29.80 5.26 2.01
N GLN B 157 -30.45 5.65 0.92
CA GLN B 157 -31.23 6.87 0.91
C GLN B 157 -32.52 6.69 1.69
N LYS B 158 -33.33 5.71 1.29
CA LYS B 158 -34.64 5.51 1.89
C LYS B 158 -34.56 5.25 3.40
N MET B 159 -33.66 4.34 3.79
CA MET B 159 -33.60 3.85 5.17
C MET B 159 -32.52 4.49 6.07
N TYR B 160 -31.54 5.18 5.48
CA TYR B 160 -30.44 5.80 6.25
C TYR B 160 -30.14 7.28 5.91
N SER B 161 -30.95 7.91 5.05
CA SER B 161 -30.83 9.36 4.72
C SER B 161 -29.53 9.74 3.99
N GLU B 162 -29.01 8.78 3.24
CA GLU B 162 -27.82 8.97 2.45
C GLU B 162 -28.24 9.42 1.06
N ASN B 163 -27.29 9.53 0.14
CA ASN B 163 -27.60 9.69 -1.28
C ASN B 163 -27.76 8.31 -1.90
N ARG B 164 -28.40 8.25 -3.06
CA ARG B 164 -28.62 7.00 -3.79
C ARG B 164 -27.28 6.42 -4.21
N SER B 165 -27.10 5.11 -4.02
CA SER B 165 -25.91 4.39 -4.52
C SER B 165 -25.84 4.54 -6.05
N ILE B 166 -24.64 4.42 -6.62
CA ILE B 166 -24.50 4.48 -8.07
C ILE B 166 -24.76 3.10 -8.69
N ILE B 167 -25.67 3.07 -9.66
CA ILE B 167 -26.06 1.81 -10.31
C ILE B 167 -25.15 1.55 -11.52
N ILE B 168 -24.56 0.35 -11.57
CA ILE B 168 -23.72 -0.07 -12.69
C ILE B 168 -24.03 -1.52 -13.05
N ARG B 169 -23.63 -1.95 -14.24
CA ARG B 169 -23.86 -3.33 -14.67
C ARG B 169 -23.05 -4.29 -13.78
N HIS B 170 -23.50 -5.55 -13.68
CA HIS B 170 -22.84 -6.59 -12.88
C HIS B 170 -21.38 -6.81 -13.27
N ASN B 171 -21.13 -7.05 -14.56
CA ASN B 171 -19.76 -7.30 -15.01
C ASN B 171 -18.81 -6.09 -14.87
N GLU B 172 -19.36 -4.90 -14.64
CA GLU B 172 -18.55 -3.69 -14.34
C GLU B 172 -18.10 -3.68 -12.88
N MET B 173 -18.96 -4.17 -12.00
CA MET B 173 -18.65 -4.32 -10.58
C MET B 173 -17.48 -5.27 -10.35
N LEU B 174 -17.44 -6.39 -11.08
CA LEU B 174 -16.36 -7.37 -10.87
C LEU B 174 -15.02 -6.95 -11.47
N LYS B 175 -14.99 -5.80 -12.14
CA LYS B 175 -13.73 -5.22 -12.64
C LYS B 175 -12.86 -4.65 -11.52
N TYR B 176 -13.48 -4.25 -10.41
CA TYR B 176 -12.78 -3.61 -9.30
C TYR B 176 -12.04 -4.62 -8.44
N ARG B 177 -10.76 -4.35 -8.17
CA ARG B 177 -9.90 -5.30 -7.47
C ARG B 177 -10.05 -5.27 -5.95
N THR B 178 -10.67 -4.21 -5.41
CA THR B 178 -10.89 -4.12 -3.96
C THR B 178 -11.92 -3.06 -3.51
N MET B 179 -12.32 -3.18 -2.25
CA MET B 179 -13.25 -2.24 -1.58
C MET B 179 -12.85 -2.03 -0.11
N ASN B 180 -13.31 -0.95 0.49
CA ASN B 180 -13.20 -0.76 1.95
C ASN B 180 -14.24 -1.58 2.69
N LYS B 181 -15.45 -1.64 2.14
CA LYS B 181 -16.56 -2.31 2.80
C LYS B 181 -17.51 -2.95 1.80
N LEU B 182 -18.08 -4.09 2.17
CA LEU B 182 -19.26 -4.64 1.48
C LEU B 182 -20.41 -4.75 2.48
N MET B 183 -21.50 -4.03 2.25
CA MET B 183 -22.69 -4.23 3.07
C MET B 183 -23.60 -5.18 2.33
N ILE B 184 -23.81 -6.36 2.91
CA ILE B 184 -24.76 -7.33 2.38
C ILE B 184 -26.13 -7.08 3.04
N VAL B 185 -27.10 -6.61 2.25
CA VAL B 185 -28.46 -6.36 2.72
C VAL B 185 -29.19 -7.69 2.75
N LEU B 186 -29.63 -8.09 3.92
CA LEU B 186 -30.19 -9.40 4.11
C LEU B 186 -31.65 -9.34 4.50
N ASP B 187 -32.39 -10.35 4.07
CA ASP B 187 -33.74 -10.55 4.52
C ASP B 187 -33.65 -11.07 5.95
N PRO B 188 -34.54 -10.61 6.85
CA PRO B 188 -34.51 -11.23 8.19
C PRO B 188 -34.78 -12.75 8.20
N SER B 189 -35.30 -13.29 7.09
CA SER B 189 -35.40 -14.75 6.87
C SER B 189 -34.05 -15.45 6.77
N GLU B 190 -33.09 -14.81 6.10
CA GLU B 190 -31.83 -15.46 5.76
C GLU B 190 -30.62 -15.03 6.62
N SER B 191 -30.73 -13.90 7.33
CA SER B 191 -29.59 -13.34 8.10
C SER B 191 -28.67 -14.35 8.77
N LYS B 192 -29.19 -15.07 9.75
CA LYS B 192 -28.43 -16.06 10.50
C LYS B 192 -27.65 -16.95 9.54
N THR B 193 -28.38 -17.57 8.61
CA THR B 193 -27.80 -18.59 7.73
C THR B 193 -26.70 -18.03 6.86
N VAL B 194 -26.94 -16.85 6.28
CA VAL B 194 -25.98 -16.25 5.35
C VAL B 194 -24.72 -15.74 6.09
N ILE B 195 -24.91 -15.05 7.21
CA ILE B 195 -23.79 -14.51 7.98
C ILE B 195 -22.93 -15.62 8.56
N GLY B 196 -23.58 -16.60 9.21
CA GLY B 196 -22.90 -17.78 9.74
C GLY B 196 -22.02 -18.51 8.73
N ASN B 197 -22.54 -18.68 7.52
CA ASN B 197 -21.77 -19.30 6.44
C ASN B 197 -20.66 -18.40 5.92
N LEU B 198 -20.91 -17.09 5.91
CA LEU B 198 -19.92 -16.12 5.49
C LEU B 198 -18.80 -16.10 6.52
N LYS B 199 -19.19 -16.09 7.80
CA LYS B 199 -18.22 -16.07 8.89
C LYS B 199 -17.28 -17.28 8.90
N GLN B 200 -17.83 -18.48 8.70
CA GLN B 200 -17.00 -19.68 8.69
C GLN B 200 -16.15 -19.73 7.42
N LYS B 201 -16.65 -19.20 6.29
CA LYS B 201 -15.85 -19.21 5.05
C LYS B 201 -14.66 -18.25 5.13
N PHE B 202 -14.89 -17.06 5.68
CA PHE B 202 -13.84 -16.06 5.81
C PHE B 202 -13.41 -15.81 7.25
N LYS B 203 -13.39 -16.86 8.06
CA LYS B 203 -12.87 -16.78 9.41
C LYS B 203 -11.38 -16.45 9.36
N ASN B 204 -10.95 -15.53 10.23
CA ASN B 204 -9.57 -15.00 10.19
C ASN B 204 -9.10 -14.47 8.82
N LYS B 205 -10.05 -14.19 7.94
CA LYS B 205 -9.77 -13.61 6.64
C LYS B 205 -10.40 -12.22 6.45
N LEU B 206 -11.56 -12.01 7.08
CA LEU B 206 -12.29 -10.73 7.01
C LEU B 206 -12.89 -10.38 8.38
N THR B 207 -13.19 -9.10 8.57
CA THR B 207 -13.98 -8.59 9.70
C THR B 207 -15.43 -8.62 9.26
N ILE B 208 -16.30 -9.27 10.02
CA ILE B 208 -17.74 -9.36 9.68
C ILE B 208 -18.64 -9.03 10.85
N PHE B 209 -19.12 -7.79 10.88
CA PHE B 209 -20.07 -7.36 11.89
C PHE B 209 -21.50 -7.51 11.36
N THR B 210 -22.43 -7.83 12.26
CA THR B 210 -23.85 -7.97 11.95
C THR B 210 -24.63 -6.70 12.35
N THR B 211 -25.26 -6.03 11.38
CA THR B 211 -26.00 -4.79 11.64
C THR B 211 -27.14 -5.04 12.60
N TYR B 212 -27.54 -3.99 13.33
CA TYR B 212 -28.68 -4.03 14.25
C TYR B 212 -29.90 -4.80 13.72
N ASN B 213 -30.24 -4.58 12.45
CA ASN B 213 -31.39 -5.25 11.83
C ASN B 213 -31.00 -6.33 10.79
N GLY B 214 -29.88 -7.00 11.03
CA GLY B 214 -29.60 -8.28 10.36
C GLY B 214 -28.69 -8.30 9.15
N HIS B 215 -28.24 -7.13 8.72
CA HIS B 215 -27.39 -7.04 7.52
C HIS B 215 -25.94 -7.36 7.88
N ALA B 216 -25.12 -7.67 6.88
CA ALA B 216 -23.69 -7.94 7.10
C ALA B 216 -22.80 -6.77 6.63
N GLU B 217 -21.82 -6.40 7.48
CA GLU B 217 -20.79 -5.43 7.10
C GLU B 217 -19.41 -6.09 7.10
N VAL B 218 -18.78 -6.10 5.94
CA VAL B 218 -17.54 -6.84 5.71
C VAL B 218 -16.41 -5.88 5.44
N THR B 219 -15.35 -5.96 6.25
CA THR B 219 -14.18 -5.09 6.08
C THR B 219 -12.91 -5.88 6.30
N LYS B 220 -11.78 -5.19 6.21
CA LYS B 220 -10.47 -5.83 6.30
C LYS B 220 -10.22 -6.40 7.69
N LEU B 221 -9.59 -7.56 7.73
CA LEU B 221 -9.26 -8.26 8.96
C LEU B 221 -8.37 -7.37 9.82
N GLY B 222 -8.66 -7.33 11.11
CA GLY B 222 -7.81 -6.64 12.06
C GLY B 222 -8.18 -5.21 12.39
N HIS B 223 -9.14 -4.63 11.68
CA HIS B 223 -9.57 -3.26 11.97
C HIS B 223 -11.00 -3.22 12.50
N ASP B 224 -11.24 -2.23 13.35
CA ASP B 224 -12.59 -1.87 13.76
C ASP B 224 -12.51 -0.45 14.36
N LYS B 225 -13.60 0.06 14.91
CA LYS B 225 -13.59 1.46 15.38
C LYS B 225 -12.43 1.70 16.34
N TYR B 226 -12.21 0.78 17.28
CA TYR B 226 -11.18 0.96 18.29
C TYR B 226 -9.76 1.20 17.71
N THR B 227 -9.38 0.43 16.70
CA THR B 227 -8.06 0.59 16.07
C THR B 227 -8.02 1.86 15.22
N GLY B 228 -9.15 2.24 14.63
CA GLY B 228 -9.28 3.54 13.96
C GLY B 228 -9.00 4.67 14.92
N ILE B 229 -9.63 4.58 16.10
CA ILE B 229 -9.54 5.61 17.13
C ILE B 229 -8.11 5.82 17.64
N ASN B 230 -7.35 4.75 17.83
CA ASN B 230 -5.94 4.87 18.23
C ASN B 230 -5.11 5.80 17.35
N TYR B 231 -5.38 5.84 16.05
CA TYR B 231 -4.68 6.80 15.18
C TYR B 231 -4.91 8.25 15.63
N LEU B 232 -6.15 8.60 15.97
CA LEU B 232 -6.45 9.93 16.49
C LEU B 232 -5.74 10.20 17.81
N LEU B 233 -5.66 9.20 18.67
CA LEU B 233 -5.05 9.38 19.99
C LEU B 233 -3.55 9.64 19.85
N LYS B 234 -2.88 8.86 19.00
CA LYS B 234 -1.46 9.08 18.73
C LYS B 234 -1.28 10.49 18.15
N HIS B 235 -2.05 10.79 17.11
CA HIS B 235 -1.93 12.03 16.37
C HIS B 235 -2.03 13.27 17.27
N TYR B 236 -3.02 13.28 18.17
CA TYR B 236 -3.28 14.44 19.01
C TYR B 236 -2.82 14.24 20.45
N ASN B 237 -2.15 13.13 20.71
CA ASN B 237 -1.54 12.88 22.03
C ASN B 237 -2.56 12.97 23.16
N ILE B 238 -3.60 12.16 23.03
CA ILE B 238 -4.72 12.11 23.95
C ILE B 238 -4.71 10.74 24.59
N SER B 239 -4.80 10.68 25.91
CA SER B 239 -4.77 9.41 26.61
C SER B 239 -6.16 8.82 26.79
N ASN B 240 -6.22 7.55 27.23
CA ASN B 240 -7.48 6.85 27.47
C ASN B 240 -8.39 7.61 28.44
N ASP B 241 -7.80 8.10 29.52
CA ASP B 241 -8.46 8.97 30.52
C ASP B 241 -9.41 10.01 29.95
N GLN B 242 -9.04 10.57 28.80
CA GLN B 242 -9.62 11.81 28.30
C GLN B 242 -10.67 11.59 27.21
N VAL B 243 -10.97 10.33 26.94
CA VAL B 243 -11.91 9.95 25.90
C VAL B 243 -13.26 9.59 26.53
N LEU B 244 -14.31 10.27 26.07
CA LEU B 244 -15.68 9.83 26.29
C LEU B 244 -16.14 9.14 25.03
N VAL B 245 -16.81 8.00 25.21
CA VAL B 245 -17.37 7.23 24.11
C VAL B 245 -18.78 6.73 24.44
N VAL B 246 -19.62 6.66 23.41
CA VAL B 246 -21.02 6.28 23.56
C VAL B 246 -21.43 5.50 22.30
N GLY B 247 -22.19 4.41 22.48
CA GLY B 247 -22.60 3.55 21.35
C GLY B 247 -23.68 2.52 21.68
N ASP B 248 -23.95 1.59 20.76
CA ASP B 248 -25.17 0.78 20.85
C ASP B 248 -25.15 -0.70 20.41
N ALA B 249 -24.21 -1.09 19.57
CA ALA B 249 -24.32 -2.34 18.84
C ALA B 249 -22.98 -3.06 18.75
N GLU B 250 -22.93 -4.14 17.96
CA GLU B 250 -21.79 -5.08 17.94
C GLU B 250 -20.43 -4.42 17.63
N ASN B 251 -20.41 -3.59 16.59
CA ASN B 251 -19.18 -2.89 16.16
C ASN B 251 -18.81 -1.68 17.05
N ASP B 252 -19.51 -1.50 18.16
CA ASP B 252 -19.13 -0.55 19.21
C ASP B 252 -18.48 -1.24 20.40
N ILE B 253 -18.54 -2.56 20.47
CA ILE B 253 -18.07 -3.29 21.64
C ILE B 253 -16.59 -3.03 21.98
N ALA B 254 -15.71 -3.12 20.99
CA ALA B 254 -14.28 -2.87 21.20
C ALA B 254 -14.02 -1.50 21.87
N MET B 255 -14.69 -0.44 21.41
CA MET B 255 -14.44 0.88 21.99
C MET B 255 -15.20 1.10 23.32
N LEU B 256 -16.27 0.34 23.55
CA LEU B 256 -16.94 0.37 24.85
C LEU B 256 -16.14 -0.38 25.93
N SER B 257 -15.53 -1.50 25.57
CA SER B 257 -14.72 -2.28 26.52
C SER B 257 -13.36 -1.65 26.82
N ASN B 258 -12.86 -0.84 25.90
CA ASN B 258 -11.47 -0.41 25.97
C ASN B 258 -11.27 1.04 26.47
N PHE B 259 -12.36 1.74 26.72
CA PHE B 259 -12.29 3.04 27.38
C PHE B 259 -13.04 2.98 28.69
N LYS B 260 -12.68 3.85 29.63
CA LYS B 260 -13.31 3.87 30.95
C LYS B 260 -14.59 4.69 30.97
N TYR B 261 -14.55 5.90 30.43
CA TYR B 261 -15.75 6.74 30.34
C TYR B 261 -16.52 6.35 29.07
N SER B 262 -17.08 5.15 29.13
CA SER B 262 -17.77 4.52 28.02
C SER B 262 -19.19 4.27 28.42
N PHE B 263 -20.09 4.48 27.47
CA PHE B 263 -21.52 4.53 27.74
C PHE B 263 -22.31 3.81 26.66
N ALA B 264 -23.31 3.05 27.10
CA ALA B 264 -24.28 2.46 26.17
C ALA B 264 -25.63 3.16 26.32
N VAL B 265 -26.28 3.44 25.19
CA VAL B 265 -27.65 3.96 25.18
C VAL B 265 -28.68 2.91 25.64
N ALA B 266 -29.78 3.37 26.24
CA ALA B 266 -30.83 2.49 26.76
C ALA B 266 -31.25 1.45 25.72
N ASN B 267 -31.31 1.86 24.46
CA ASN B 267 -31.65 0.95 23.35
C ASN B 267 -30.51 0.07 22.84
N ALA B 268 -29.36 0.06 23.53
CA ALA B 268 -28.22 -0.75 23.10
C ALA B 268 -28.52 -2.23 23.17
N THR B 269 -27.73 -3.01 22.43
CA THR B 269 -27.75 -4.46 22.56
C THR B 269 -27.30 -4.89 23.95
N ASP B 270 -27.63 -6.12 24.32
CA ASP B 270 -27.18 -6.69 25.59
C ASP B 270 -25.65 -6.66 25.75
N SER B 271 -24.94 -7.06 24.71
CA SER B 271 -23.48 -7.07 24.76
C SER B 271 -22.91 -5.66 24.92
N ALA B 272 -23.38 -4.73 24.10
CA ALA B 272 -22.95 -3.34 24.21
C ALA B 272 -23.11 -2.86 25.63
N LYS B 273 -24.28 -3.14 26.21
CA LYS B 273 -24.59 -2.71 27.58
C LYS B 273 -23.65 -3.34 28.62
N SER B 274 -23.29 -4.60 28.43
CA SER B 274 -22.42 -5.26 29.41
C SER B 274 -20.97 -4.82 29.27
N HIS B 275 -20.53 -4.53 28.06
CA HIS B 275 -19.15 -4.09 27.84
C HIS B 275 -18.90 -2.62 28.20
N ALA B 276 -19.96 -1.80 28.22
CA ALA B 276 -19.84 -0.40 28.62
C ALA B 276 -19.70 -0.26 30.12
N LYS B 277 -19.06 0.80 30.57
CA LYS B 277 -19.01 1.11 31.99
C LYS B 277 -20.42 1.30 32.51
N CYS B 278 -21.22 2.05 31.76
CA CYS B 278 -22.50 2.52 32.23
C CYS B 278 -23.56 2.59 31.14
N VAL B 279 -24.74 2.07 31.46
CA VAL B 279 -25.87 2.08 30.54
C VAL B 279 -26.69 3.33 30.81
N LEU B 280 -26.95 4.12 29.80
CA LEU B 280 -27.69 5.36 29.97
C LEU B 280 -29.15 5.06 30.28
N PRO B 281 -29.80 5.92 31.09
CA PRO B 281 -31.23 5.78 31.40
C PRO B 281 -32.12 6.20 30.23
N VAL B 282 -31.51 6.68 29.15
CA VAL B 282 -32.22 7.35 28.08
C VAL B 282 -31.79 6.77 26.71
N SER B 283 -32.78 6.57 25.84
CA SER B 283 -32.54 6.02 24.51
C SER B 283 -32.03 7.08 23.56
N HIS B 284 -31.59 6.62 22.39
CA HIS B 284 -31.24 7.51 21.28
C HIS B 284 -32.41 8.43 20.93
N ARG B 285 -33.60 7.87 20.80
CA ARG B 285 -34.83 8.63 20.51
C ARG B 285 -35.05 9.78 21.48
N GLU B 286 -34.71 9.55 22.74
CA GLU B 286 -34.96 10.53 23.80
C GLU B 286 -33.79 11.52 23.96
N GLY B 287 -32.86 11.50 23.00
CA GLY B 287 -31.69 12.39 23.00
C GLY B 287 -30.56 11.95 23.91
N ALA B 288 -30.28 10.66 23.94
CA ALA B 288 -29.20 10.12 24.76
C ALA B 288 -27.91 10.92 24.65
N VAL B 289 -27.54 11.31 23.43
CA VAL B 289 -26.26 11.99 23.22
C VAL B 289 -26.26 13.36 23.89
N ALA B 290 -27.34 14.12 23.70
CA ALA B 290 -27.47 15.44 24.35
C ALA B 290 -27.47 15.34 25.88
N TYR B 291 -28.19 14.35 26.40
CA TYR B 291 -28.21 14.07 27.83
C TYR B 291 -26.79 13.81 28.36
N LEU B 292 -26.04 12.95 27.67
CA LEU B 292 -24.71 12.57 28.17
C LEU B 292 -23.73 13.73 28.06
N LEU B 293 -23.80 14.46 26.96
CA LEU B 293 -22.91 15.60 26.77
C LEU B 293 -23.13 16.73 27.80
N LYS B 294 -24.39 16.99 28.18
CA LYS B 294 -24.66 18.04 29.15
C LYS B 294 -24.09 17.68 30.52
N LYS B 295 -24.09 16.37 30.84
CA LYS B 295 -23.49 15.86 32.07
C LYS B 295 -21.97 15.86 32.03
N VAL B 296 -21.39 15.85 30.84
CA VAL B 296 -19.96 16.07 30.72
C VAL B 296 -19.68 17.56 30.93
N PHE B 297 -20.53 18.43 30.38
CA PHE B 297 -20.30 19.87 30.45
C PHE B 297 -20.29 20.38 31.87
N ASP B 298 -21.13 19.83 32.73
CA ASP B 298 -21.20 20.36 34.09
C ASP B 298 -20.08 19.87 35.01
N LEU B 299 -19.22 18.97 34.52
CA LEU B 299 -17.98 18.66 35.24
C LEU B 299 -17.09 19.89 35.24
N LYS B 300 -16.81 20.46 34.07
CA LYS B 300 -15.95 21.64 33.97
C LYS B 300 -16.74 22.91 34.25
N LYS C 17 -1.53 18.48 -42.23
CA LYS C 17 -0.55 17.69 -41.43
C LYS C 17 -1.21 16.99 -40.23
N VAL C 18 -2.13 17.68 -39.57
CA VAL C 18 -2.91 17.05 -38.50
C VAL C 18 -3.83 15.99 -39.10
N GLU C 19 -4.56 16.35 -40.15
CA GLU C 19 -5.46 15.41 -40.83
C GLU C 19 -4.70 14.13 -41.24
N GLU C 20 -3.48 14.27 -41.74
CA GLU C 20 -2.67 13.11 -42.12
C GLU C 20 -2.36 12.23 -40.90
N ALA C 21 -1.85 12.86 -39.84
CA ALA C 21 -1.53 12.17 -38.60
C ALA C 21 -2.75 11.49 -37.97
N LEU C 22 -3.93 12.02 -38.26
CA LEU C 22 -5.18 11.54 -37.71
C LEU C 22 -5.88 10.50 -38.62
N LYS C 23 -5.45 10.41 -39.88
CA LYS C 23 -6.10 9.55 -40.87
C LYS C 23 -6.26 8.09 -40.40
N GLY C 24 -7.47 7.55 -40.57
CA GLY C 24 -7.73 6.15 -40.24
C GLY C 24 -7.73 5.83 -38.75
N ALA C 25 -8.04 6.84 -37.93
CA ALA C 25 -8.07 6.70 -36.48
C ALA C 25 -9.49 6.45 -36.00
N ASP C 26 -9.64 5.48 -35.10
CA ASP C 26 -10.90 5.18 -34.43
C ASP C 26 -10.78 5.56 -32.96
N ILE C 27 -10.93 6.85 -32.67
CA ILE C 27 -10.64 7.42 -31.36
C ILE C 27 -11.86 7.36 -30.44
N LYS C 28 -11.70 6.75 -29.27
CA LYS C 28 -12.78 6.62 -28.28
C LYS C 28 -12.48 7.30 -26.95
N LEU C 29 -11.21 7.58 -26.67
CA LEU C 29 -10.78 8.22 -25.42
C LEU C 29 -9.92 9.44 -25.74
N LEU C 30 -10.39 10.62 -25.32
CA LEU C 30 -9.65 11.87 -25.45
C LEU C 30 -8.90 12.20 -24.15
N LEU C 31 -7.57 12.24 -24.22
CA LEU C 31 -6.71 12.53 -23.07
C LEU C 31 -6.10 13.93 -23.19
N ILE C 32 -6.52 14.82 -22.30
CA ILE C 32 -6.24 16.25 -22.46
C ILE C 32 -5.51 16.78 -21.24
N ASP C 33 -4.25 17.16 -21.42
CA ASP C 33 -3.48 17.90 -20.41
C ASP C 33 -4.21 19.19 -20.06
N PHE C 34 -3.95 19.73 -18.87
CA PHE C 34 -4.63 20.95 -18.41
C PHE C 34 -3.80 22.22 -18.66
N ASP C 35 -2.79 22.47 -17.83
CA ASP C 35 -2.02 23.72 -17.93
C ASP C 35 -1.16 23.67 -19.18
N GLY C 36 -1.19 24.75 -19.95
CA GLY C 36 -0.43 24.81 -21.19
C GLY C 36 -1.08 24.13 -22.37
N THR C 37 -2.29 23.63 -22.20
CA THR C 37 -2.99 22.88 -23.24
C THR C 37 -4.48 23.27 -23.27
N LEU C 38 -5.16 23.00 -22.16
CA LEU C 38 -6.57 23.32 -22.02
C LEU C 38 -6.75 24.63 -21.26
N PHE C 39 -5.88 24.86 -20.28
CA PHE C 39 -5.92 26.04 -19.42
C PHE C 39 -4.76 26.95 -19.81
N VAL C 40 -5.02 28.26 -19.86
CA VAL C 40 -4.03 29.26 -20.28
C VAL C 40 -3.36 29.98 -19.10
N ASP C 41 -4.16 30.65 -18.26
CA ASP C 41 -3.62 31.39 -17.12
C ASP C 41 -4.71 31.83 -16.13
N LYS C 42 -4.32 32.61 -15.11
CA LYS C 42 -5.28 33.13 -14.13
C LYS C 42 -6.50 33.81 -14.78
N ASP C 43 -6.25 34.55 -15.86
CA ASP C 43 -7.24 35.44 -16.46
C ASP C 43 -8.11 34.73 -17.48
N ILE C 44 -7.47 34.12 -18.47
CA ILE C 44 -8.18 33.43 -19.54
C ILE C 44 -8.71 32.09 -19.04
N LYS C 45 -7.94 31.42 -18.19
CA LYS C 45 -8.32 30.10 -17.70
C LYS C 45 -8.49 29.15 -18.90
N VAL C 46 -9.58 28.39 -18.95
CA VAL C 46 -9.89 27.56 -20.10
C VAL C 46 -10.73 28.37 -21.08
N PRO C 47 -10.23 28.60 -22.32
CA PRO C 47 -11.03 29.28 -23.34
C PRO C 47 -12.36 28.59 -23.59
N SER C 48 -13.42 29.38 -23.76
CA SER C 48 -14.79 28.87 -23.92
C SER C 48 -14.99 27.98 -25.16
N GLU C 49 -14.11 28.08 -26.14
CA GLU C 49 -14.19 27.22 -27.33
C GLU C 49 -13.87 25.78 -26.94
N ASN C 50 -12.85 25.61 -26.10
CA ASN C 50 -12.50 24.29 -25.56
C ASN C 50 -13.65 23.69 -24.74
N ILE C 51 -14.36 24.56 -24.02
CA ILE C 51 -15.53 24.14 -23.25
C ILE C 51 -16.67 23.60 -24.15
N ASP C 52 -16.92 24.23 -25.29
CA ASP C 52 -17.87 23.67 -26.26
C ASP C 52 -17.34 22.36 -26.84
N ALA C 53 -16.04 22.36 -27.11
CA ALA C 53 -15.40 21.20 -27.72
C ALA C 53 -15.59 19.97 -26.86
N ILE C 54 -15.38 20.10 -25.56
CA ILE C 54 -15.53 18.96 -24.65
C ILE C 54 -17.00 18.63 -24.45
N LYS C 55 -17.79 19.67 -24.25
CA LYS C 55 -19.25 19.56 -24.20
C LYS C 55 -19.77 18.69 -25.35
N GLU C 56 -19.33 19.04 -26.54
CA GLU C 56 -19.71 18.33 -27.75
C GLU C 56 -19.12 16.93 -27.76
N ALA C 57 -17.87 16.80 -27.35
CA ALA C 57 -17.20 15.48 -27.34
C ALA C 57 -17.99 14.49 -26.48
N ILE C 58 -18.38 14.93 -25.29
CA ILE C 58 -19.14 14.09 -24.38
C ILE C 58 -20.51 13.76 -24.98
N GLU C 59 -21.16 14.75 -25.59
CA GLU C 59 -22.43 14.51 -26.28
C GLU C 59 -22.31 13.54 -27.43
N LYS C 60 -21.21 13.60 -28.15
CA LYS C 60 -20.99 12.77 -29.32
C LYS C 60 -20.54 11.35 -28.95
N GLY C 61 -20.26 11.11 -27.67
CA GLY C 61 -20.02 9.76 -27.15
C GLY C 61 -18.58 9.45 -26.80
N TYR C 62 -17.68 10.41 -26.97
CA TYR C 62 -16.28 10.20 -26.60
C TYR C 62 -16.11 10.24 -25.07
N MET C 63 -15.25 9.36 -24.54
CA MET C 63 -14.83 9.44 -23.15
C MET C 63 -13.77 10.54 -23.05
N VAL C 64 -13.87 11.38 -22.02
CA VAL C 64 -12.92 12.46 -21.82
C VAL C 64 -12.24 12.35 -20.46
N SER C 65 -10.91 12.47 -20.46
CA SER C 65 -10.13 12.46 -19.23
C SER C 65 -9.04 13.51 -19.26
N ILE C 66 -8.93 14.24 -18.16
CA ILE C 66 -7.86 15.21 -18.01
C ILE C 66 -6.68 14.52 -17.35
N CYS C 67 -5.50 14.72 -17.94
CA CYS C 67 -4.28 14.09 -17.48
C CYS C 67 -3.32 15.19 -17.02
N THR C 68 -3.07 15.26 -15.70
CA THR C 68 -2.49 16.45 -15.12
C THR C 68 -1.69 16.20 -13.84
N GLY C 69 -0.80 17.14 -13.53
CA GLY C 69 -0.10 17.17 -12.25
C GLY C 69 -0.99 17.69 -11.12
N ARG C 70 -2.13 18.26 -11.49
CA ARG C 70 -3.09 18.76 -10.50
C ARG C 70 -3.92 17.66 -9.86
N SER C 71 -4.63 18.08 -8.83
CA SER C 71 -5.67 17.30 -8.20
C SER C 71 -6.97 17.51 -8.94
N LYS C 72 -7.93 16.60 -8.76
CA LYS C 72 -9.25 16.74 -9.36
C LYS C 72 -9.96 18.03 -8.92
N VAL C 73 -10.05 18.30 -7.62
CA VAL C 73 -10.69 19.53 -7.13
C VAL C 73 -9.95 20.77 -7.64
N GLY C 74 -8.63 20.70 -7.69
CA GLY C 74 -7.84 21.75 -8.31
C GLY C 74 -8.33 22.09 -9.71
N ILE C 75 -8.67 21.07 -10.46
CA ILE C 75 -9.16 21.23 -11.83
C ILE C 75 -10.62 21.68 -11.89
N LEU C 76 -11.42 21.21 -10.94
CA LEU C 76 -12.82 21.62 -10.85
C LEU C 76 -12.89 23.10 -10.49
N SER C 77 -12.01 23.55 -9.59
CA SER C 77 -11.95 24.96 -9.23
C SER C 77 -11.54 25.78 -10.42
N ALA C 78 -10.65 25.26 -11.24
CA ALA C 78 -10.16 26.01 -12.40
C ALA C 78 -11.23 26.15 -13.48
N PHE C 79 -12.04 25.11 -13.64
CA PHE C 79 -13.15 25.16 -14.60
C PHE C 79 -14.24 26.08 -14.12
N GLY C 80 -14.48 26.09 -12.82
CA GLY C 80 -15.65 26.74 -12.26
C GLY C 80 -16.89 25.86 -12.39
N GLU C 81 -17.77 25.94 -11.40
CA GLU C 81 -19.05 25.20 -11.41
C GLU C 81 -19.81 25.37 -12.73
N GLU C 82 -19.94 26.61 -13.18
CA GLU C 82 -20.73 26.93 -14.35
C GLU C 82 -20.28 26.19 -15.61
N ASN C 83 -18.97 26.00 -15.77
CA ASN C 83 -18.42 25.27 -16.94
C ASN C 83 -18.58 23.75 -16.90
N LEU C 84 -18.66 23.19 -15.70
CA LEU C 84 -18.84 21.75 -15.54
C LEU C 84 -20.29 21.33 -15.86
N LYS C 85 -21.26 22.16 -15.45
CA LYS C 85 -22.67 21.96 -15.83
C LYS C 85 -22.80 22.18 -17.34
N LYS C 86 -22.12 23.20 -17.85
CA LYS C 86 -22.12 23.46 -19.28
C LYS C 86 -21.59 22.27 -20.05
N MET C 87 -20.56 21.63 -19.51
CA MET C 87 -19.88 20.50 -20.16
C MET C 87 -20.56 19.17 -19.86
N ASN C 88 -21.17 19.08 -18.68
CA ASN C 88 -21.63 17.80 -18.15
C ASN C 88 -20.38 16.94 -17.91
N PHE C 89 -19.33 17.57 -17.36
CA PHE C 89 -18.07 16.91 -17.04
C PHE C 89 -17.55 17.32 -15.66
N TYR C 90 -17.22 16.32 -14.84
CA TYR C 90 -16.91 16.54 -13.43
C TYR C 90 -15.61 15.83 -13.03
N GLY C 91 -14.68 15.76 -13.97
CA GLY C 91 -13.35 15.22 -13.72
C GLY C 91 -13.26 13.72 -13.56
N MET C 92 -14.31 13.02 -13.98
CA MET C 92 -14.34 11.57 -13.91
C MET C 92 -14.69 11.09 -15.30
N PRO C 93 -13.83 10.24 -15.90
CA PRO C 93 -12.57 9.76 -15.34
C PRO C 93 -11.49 10.81 -15.45
N GLY C 94 -10.39 10.60 -14.73
CA GLY C 94 -9.27 11.51 -14.80
C GLY C 94 -8.00 10.91 -14.24
N VAL C 95 -6.89 11.41 -14.73
CA VAL C 95 -5.56 11.02 -14.28
C VAL C 95 -4.99 12.24 -13.62
N TYR C 96 -4.69 12.12 -12.33
CA TYR C 96 -4.34 13.26 -11.50
C TYR C 96 -3.00 13.07 -10.81
N ILE C 97 -2.44 14.18 -10.37
CA ILE C 97 -1.16 14.18 -9.66
C ILE C 97 -0.16 13.31 -10.40
N ASN C 98 0.06 13.65 -11.67
CA ASN C 98 1.04 12.98 -12.54
C ASN C 98 0.89 11.46 -12.52
N GLY C 99 -0.35 10.98 -12.53
CA GLY C 99 -0.63 9.56 -12.65
C GLY C 99 -0.69 8.77 -11.36
N THR C 100 -0.53 9.44 -10.23
CA THR C 100 -0.54 8.76 -8.94
C THR C 100 -1.95 8.62 -8.37
N ILE C 101 -2.88 9.43 -8.87
CA ILE C 101 -4.29 9.30 -8.51
C ILE C 101 -5.13 9.19 -9.76
N VAL C 102 -5.94 8.12 -9.82
CA VAL C 102 -6.73 7.80 -11.00
C VAL C 102 -8.14 7.39 -10.59
N TYR C 103 -9.13 8.14 -11.06
CA TYR C 103 -10.52 7.79 -10.89
C TYR C 103 -11.06 7.22 -12.21
N ASP C 104 -12.02 6.31 -12.12
CA ASP C 104 -12.78 5.88 -13.30
C ASP C 104 -13.97 6.83 -13.50
N GLN C 105 -14.79 6.55 -14.51
CA GLN C 105 -15.91 7.45 -14.85
C GLN C 105 -16.93 7.68 -13.73
N ILE C 106 -17.03 6.73 -12.81
CA ILE C 106 -18.03 6.74 -11.74
C ILE C 106 -17.41 7.26 -10.44
N GLY C 107 -16.11 7.58 -10.47
CA GLY C 107 -15.43 8.09 -9.30
C GLY C 107 -14.67 7.07 -8.48
N TYR C 108 -14.79 5.79 -8.77
CA TYR C 108 -14.00 4.79 -8.02
C TYR C 108 -12.50 5.08 -8.15
N THR C 109 -11.78 4.96 -7.02
CA THR C 109 -10.34 5.19 -6.97
C THR C 109 -9.54 4.00 -7.49
N LEU C 110 -9.27 4.01 -8.78
CA LEU C 110 -8.49 2.94 -9.40
C LEU C 110 -7.07 2.90 -8.88
N LEU C 111 -6.54 4.07 -8.55
CA LEU C 111 -5.16 4.25 -8.08
C LEU C 111 -5.03 5.44 -7.12
N ASP C 112 -4.22 5.27 -6.07
CA ASP C 112 -3.81 6.34 -5.15
C ASP C 112 -2.43 6.03 -4.57
N GLU C 113 -1.38 6.35 -5.31
CA GLU C 113 -0.01 6.00 -4.90
C GLU C 113 0.68 7.15 -4.19
N THR C 114 1.21 6.86 -3.01
CA THR C 114 1.94 7.85 -2.24
C THR C 114 3.40 7.47 -2.23
N ILE C 115 4.25 8.43 -1.86
CA ILE C 115 5.67 8.18 -1.71
C ILE C 115 5.92 7.24 -0.52
N GLU C 116 6.84 6.28 -0.69
CA GLU C 116 7.19 5.33 0.38
C GLU C 116 7.63 6.13 1.61
N THR C 117 7.26 5.69 2.80
CA THR C 117 7.48 6.53 3.97
C THR C 117 8.97 6.74 4.30
N ASP C 118 9.84 5.81 3.90
CA ASP C 118 11.28 5.94 4.17
C ASP C 118 11.89 7.02 3.28
N VAL C 119 11.60 6.96 1.98
CA VAL C 119 12.05 7.98 1.02
C VAL C 119 11.42 9.34 1.30
N TYR C 120 10.15 9.34 1.71
CA TYR C 120 9.48 10.58 2.08
C TYR C 120 10.14 11.26 3.28
N ALA C 121 10.53 10.48 4.27
CA ALA C 121 11.19 11.01 5.46
C ALA C 121 12.53 11.63 5.07
N GLU C 122 13.28 10.91 4.24
CA GLU C 122 14.54 11.40 3.71
C GLU C 122 14.39 12.69 2.90
N LEU C 123 13.26 12.79 2.18
CA LEU C 123 12.94 13.93 1.33
C LEU C 123 12.61 15.19 2.12
N ILE C 124 11.75 15.05 3.11
CA ILE C 124 11.44 16.15 4.03
C ILE C 124 12.71 16.59 4.76
N SER C 125 13.57 15.64 5.09
CA SER C 125 14.82 15.94 5.76
C SER C 125 15.67 16.82 4.87
N TYR C 126 15.77 16.46 3.60
CA TYR C 126 16.52 17.25 2.61
C TYR C 126 15.93 18.66 2.43
N LEU C 127 14.61 18.77 2.37
CA LEU C 127 13.98 20.08 2.21
C LEU C 127 14.28 20.98 3.41
N VAL C 128 14.10 20.43 4.61
CA VAL C 128 14.50 21.12 5.86
C VAL C 128 15.96 21.59 5.76
N GLU C 129 16.84 20.66 5.42
CA GLU C 129 18.28 20.95 5.30
C GLU C 129 18.58 22.02 4.25
N LYS C 130 17.85 22.02 3.14
CA LYS C 130 18.06 23.05 2.11
C LYS C 130 17.16 24.28 2.29
N ASN C 131 16.50 24.42 3.43
CA ASN C 131 15.66 25.59 3.71
C ASN C 131 14.51 25.78 2.72
N LEU C 132 13.87 24.68 2.31
CA LEU C 132 12.86 24.68 1.23
C LEU C 132 11.45 24.31 1.65
N VAL C 133 11.25 23.85 2.88
CA VAL C 133 9.91 23.49 3.35
C VAL C 133 8.94 24.70 3.35
N ASN C 134 9.50 25.90 3.55
CA ASN C 134 8.71 27.16 3.53
C ASN C 134 8.23 27.62 2.15
N GLN C 135 8.57 26.87 1.11
CA GLN C 135 8.05 27.13 -0.23
C GLN C 135 7.57 25.81 -0.89
N THR C 136 7.21 24.84 -0.06
CA THR C 136 6.79 23.54 -0.54
C THR C 136 5.29 23.36 -0.28
N ILE C 137 4.59 22.86 -1.29
CA ILE C 137 3.19 22.52 -1.16
C ILE C 137 3.06 21.01 -1.01
N PHE C 138 2.30 20.59 -0.02
CA PHE C 138 2.18 19.17 0.33
C PHE C 138 0.84 18.66 -0.17
N HIS C 139 0.84 17.74 -1.14
CA HIS C 139 -0.40 17.20 -1.72
C HIS C 139 -0.73 15.79 -1.24
N ARG C 140 -1.85 15.65 -0.55
CA ARG C 140 -2.43 14.36 -0.25
C ARG C 140 -3.90 14.34 -0.68
N GLY C 141 -4.22 13.40 -1.57
CA GLY C 141 -5.58 13.20 -2.05
C GLY C 141 -6.10 14.40 -2.82
N GLU C 142 -7.23 14.92 -2.36
CA GLU C 142 -7.85 16.12 -2.93
C GLU C 142 -7.57 17.34 -2.05
N SER C 143 -6.64 17.21 -1.11
CA SER C 143 -6.23 18.32 -0.25
C SER C 143 -4.76 18.70 -0.50
N ASN C 144 -4.40 19.93 -0.14
CA ASN C 144 -3.01 20.34 -0.09
C ASN C 144 -2.71 21.35 1.04
N TYR C 145 -1.48 21.33 1.52
CA TYR C 145 -1.10 22.00 2.75
C TYR C 145 0.16 22.83 2.57
N VAL C 146 0.24 23.93 3.30
CA VAL C 146 1.48 24.70 3.37
C VAL C 146 1.80 25.00 4.83
N THR C 147 3.04 25.37 5.08
CA THR C 147 3.52 25.62 6.45
C THR C 147 3.18 27.06 6.90
N GLU C 148 3.22 27.30 8.21
CA GLU C 148 2.83 28.61 8.76
C GLU C 148 3.78 29.73 8.33
N ASP C 149 5.04 29.38 8.08
CA ASP C 149 6.05 30.32 7.59
C ASP C 149 6.09 30.47 6.07
N ASN C 150 5.14 29.85 5.35
CA ASN C 150 5.11 29.88 3.88
C ASN C 150 4.52 31.20 3.33
N LYS C 151 5.33 31.90 2.54
CA LYS C 151 4.93 33.17 1.93
C LYS C 151 4.02 32.96 0.71
N TYR C 152 4.13 31.81 0.05
CA TYR C 152 3.31 31.47 -1.12
C TYR C 152 2.04 30.69 -0.75
N ALA C 153 1.34 31.07 0.31
CA ALA C 153 0.11 30.36 0.72
C ALA C 153 -1.06 30.64 -0.24
N ASP C 154 -1.05 31.81 -0.88
CA ASP C 154 -2.09 32.21 -1.84
C ASP C 154 -1.76 31.76 -3.27
N PHE C 155 -0.71 30.95 -3.42
CA PHE C 155 -0.10 30.69 -4.73
C PHE C 155 -1.01 29.97 -5.73
N LEU C 156 -1.51 28.77 -5.38
CA LEU C 156 -2.40 28.03 -6.28
C LEU C 156 -3.69 28.78 -6.62
N GLN C 157 -4.19 29.58 -5.67
CA GLN C 157 -5.44 30.34 -5.86
C GLN C 157 -5.21 31.51 -6.82
N LYS C 158 -4.17 32.31 -6.56
CA LYS C 158 -3.88 33.48 -7.39
C LYS C 158 -3.41 33.05 -8.78
N MET C 159 -2.44 32.14 -8.82
CA MET C 159 -1.81 31.72 -10.07
C MET C 159 -2.63 30.72 -10.88
N TYR C 160 -3.25 29.76 -10.21
CA TYR C 160 -3.85 28.62 -10.90
C TYR C 160 -5.37 28.45 -10.71
N SER C 161 -6.02 29.48 -10.16
CA SER C 161 -7.49 29.54 -10.02
C SER C 161 -8.05 28.41 -9.18
N GLU C 162 -7.35 28.15 -8.08
CA GLU C 162 -7.68 27.04 -7.20
C GLU C 162 -8.19 27.60 -5.88
N ASN C 163 -8.39 26.72 -4.90
CA ASN C 163 -8.69 27.14 -3.53
C ASN C 163 -7.38 27.38 -2.79
N ARG C 164 -7.40 28.27 -1.81
CA ARG C 164 -6.23 28.52 -0.99
C ARG C 164 -5.81 27.18 -0.37
N SER C 165 -4.51 26.98 -0.21
CA SER C 165 -4.02 25.80 0.52
C SER C 165 -4.40 25.90 2.01
N ILE C 166 -4.44 24.76 2.69
CA ILE C 166 -4.63 24.74 4.13
C ILE C 166 -3.29 25.07 4.78
N ILE C 167 -3.29 26.08 5.65
CA ILE C 167 -2.08 26.51 6.35
C ILE C 167 -1.99 25.75 7.68
N ILE C 168 -0.82 25.18 7.98
CA ILE C 168 -0.60 24.47 9.26
C ILE C 168 0.77 24.78 9.84
N ARG C 169 0.89 24.60 11.16
CA ARG C 169 2.16 24.79 11.86
C ARG C 169 3.12 23.68 11.45
N HIS C 170 4.41 23.99 11.51
CA HIS C 170 5.48 23.12 11.04
C HIS C 170 5.47 21.77 11.79
N ASN C 171 5.25 21.81 13.11
CA ASN C 171 5.25 20.57 13.91
C ASN C 171 4.10 19.61 13.52
N GLU C 172 3.02 20.20 13.02
CA GLU C 172 1.88 19.43 12.49
C GLU C 172 2.25 18.76 11.17
N MET C 173 2.94 19.51 10.30
CA MET C 173 3.41 18.99 9.02
CA MET C 173 3.41 18.97 9.02
C MET C 173 4.24 17.69 9.21
N LEU C 174 5.16 17.71 10.16
CA LEU C 174 6.06 16.59 10.40
C LEU C 174 5.36 15.33 10.94
N LYS C 175 4.09 15.47 11.28
CA LYS C 175 3.31 14.37 11.78
C LYS C 175 2.81 13.45 10.66
N TYR C 176 2.82 13.94 9.42
CA TYR C 176 2.34 13.19 8.25
C TYR C 176 3.43 12.39 7.55
N ARG C 177 3.26 11.08 7.43
CA ARG C 177 4.34 10.18 6.97
C ARG C 177 4.39 9.92 5.45
N THR C 178 3.50 10.54 4.69
CA THR C 178 3.59 10.51 3.22
C THR C 178 2.71 11.55 2.55
N MET C 179 3.02 11.83 1.29
CA MET C 179 2.15 12.60 0.42
C MET C 179 2.11 11.92 -0.94
N ASN C 180 1.08 12.20 -1.74
CA ASN C 180 1.11 11.83 -3.16
C ASN C 180 2.17 12.65 -3.87
N LYS C 181 2.21 13.94 -3.58
CA LYS C 181 3.14 14.82 -4.26
C LYS C 181 3.61 15.98 -3.40
N LEU C 182 4.80 16.45 -3.71
CA LEU C 182 5.32 17.69 -3.20
C LEU C 182 5.59 18.60 -4.36
N MET C 183 5.09 19.83 -4.28
CA MET C 183 5.47 20.84 -5.24
C MET C 183 6.37 21.86 -4.56
N ILE C 184 7.53 22.11 -5.16
CA ILE C 184 8.46 23.07 -4.63
C ILE C 184 8.42 24.34 -5.47
N VAL C 185 7.86 25.41 -4.93
CA VAL C 185 7.79 26.69 -5.62
C VAL C 185 9.15 27.38 -5.51
N LEU C 186 9.83 27.56 -6.64
CA LEU C 186 11.18 28.12 -6.66
C LEU C 186 11.28 29.47 -7.35
N ASP C 187 12.23 30.29 -6.92
CA ASP C 187 12.60 31.53 -7.63
C ASP C 187 13.31 31.15 -8.95
N PRO C 188 13.02 31.87 -10.04
CA PRO C 188 13.65 31.48 -11.32
C PRO C 188 15.18 31.44 -11.28
N SER C 189 15.79 32.21 -10.38
CA SER C 189 17.24 32.22 -10.20
C SER C 189 17.77 31.10 -9.29
N GLU C 190 16.92 30.19 -8.86
CA GLU C 190 17.39 29.02 -8.11
C GLU C 190 16.93 27.69 -8.72
N SER C 191 15.93 27.73 -9.60
CA SER C 191 15.39 26.53 -10.24
C SER C 191 16.44 25.52 -10.65
N LYS C 192 17.33 25.95 -11.54
CA LYS C 192 18.27 25.04 -12.21
C LYS C 192 19.13 24.31 -11.19
N THR C 193 19.61 25.05 -10.20
CA THR C 193 20.53 24.49 -9.21
C THR C 193 19.79 23.66 -8.17
N VAL C 194 18.66 24.13 -7.69
CA VAL C 194 17.91 23.39 -6.69
C VAL C 194 17.41 22.07 -7.22
N ILE C 195 16.87 22.13 -8.45
CA ILE C 195 16.32 20.94 -9.09
C ILE C 195 17.46 19.99 -9.46
N GLY C 196 18.56 20.53 -9.98
CA GLY C 196 19.77 19.76 -10.24
C GLY C 196 20.27 19.01 -9.01
N ASN C 197 20.29 19.70 -7.87
CA ASN C 197 20.74 19.11 -6.59
C ASN C 197 19.76 18.08 -6.05
N LEU C 198 18.47 18.37 -6.19
CA LEU C 198 17.41 17.46 -5.78
C LEU C 198 17.42 16.19 -6.64
N LYS C 199 17.60 16.38 -7.95
CA LYS C 199 17.64 15.26 -8.89
C LYS C 199 18.76 14.27 -8.59
N GLN C 200 19.96 14.78 -8.34
CA GLN C 200 21.09 13.90 -8.00
C GLN C 200 20.99 13.33 -6.59
N LYS C 201 20.26 13.98 -5.70
CA LYS C 201 20.09 13.44 -4.35
C LYS C 201 19.08 12.28 -4.35
N PHE C 202 17.96 12.45 -5.05
CA PHE C 202 16.92 11.43 -5.11
C PHE C 202 16.81 10.80 -6.49
N LYS C 203 17.96 10.67 -7.13
CA LYS C 203 18.07 9.94 -8.41
C LYS C 203 17.69 8.48 -8.18
N ASN C 204 16.81 7.97 -9.03
CA ASN C 204 16.26 6.62 -8.91
C ASN C 204 15.56 6.34 -7.61
N LYS C 205 15.02 7.38 -6.96
CA LYS C 205 14.22 7.20 -5.73
C LYS C 205 12.89 7.99 -5.76
N LEU C 206 12.80 8.98 -6.63
CA LEU C 206 11.61 9.78 -6.81
C LEU C 206 11.47 10.20 -8.27
N THR C 207 10.24 10.29 -8.76
CA THR C 207 9.97 10.99 -9.99
C THR C 207 10.03 12.49 -9.74
N ILE C 208 10.90 13.21 -10.46
CA ILE C 208 11.00 14.67 -10.33
C ILE C 208 10.80 15.38 -11.67
N PHE C 209 9.68 16.06 -11.84
CA PHE C 209 9.43 16.87 -13.05
C PHE C 209 9.72 18.34 -12.79
N THR C 210 10.05 19.06 -13.86
CA THR C 210 10.21 20.50 -13.81
C THR C 210 9.04 21.12 -14.57
N THR C 211 8.41 22.13 -13.97
CA THR C 211 7.22 22.76 -14.54
C THR C 211 7.64 23.85 -15.52
N TYR C 212 6.67 24.37 -16.27
CA TYR C 212 6.88 25.48 -17.17
C TYR C 212 7.57 26.66 -16.48
N ASN C 213 7.07 27.08 -15.32
CA ASN C 213 7.70 28.19 -14.61
C ASN C 213 8.97 27.85 -13.82
N GLY C 214 9.36 26.58 -13.77
CA GLY C 214 10.62 26.17 -13.13
C GLY C 214 10.45 25.61 -11.73
N HIS C 215 9.22 25.30 -11.36
CA HIS C 215 8.94 24.73 -10.06
C HIS C 215 9.20 23.25 -10.14
N ALA C 216 9.23 22.56 -8.99
CA ALA C 216 9.54 21.12 -9.00
C ALA C 216 8.38 20.26 -8.49
N GLU C 217 8.00 19.26 -9.28
CA GLU C 217 6.91 18.32 -8.96
C GLU C 217 7.51 16.95 -8.61
N VAL C 218 7.33 16.54 -7.35
CA VAL C 218 7.96 15.33 -6.83
C VAL C 218 6.89 14.29 -6.48
N THR C 219 6.98 13.12 -7.11
CA THR C 219 6.06 12.02 -6.88
C THR C 219 6.82 10.70 -6.75
N LYS C 220 6.08 9.67 -6.37
CA LYS C 220 6.63 8.31 -6.25
C LYS C 220 7.29 7.83 -7.53
N LEU C 221 8.40 7.12 -7.37
CA LEU C 221 9.18 6.55 -8.47
C LEU C 221 8.37 5.57 -9.32
N GLY C 222 8.54 5.66 -10.63
CA GLY C 222 7.96 4.71 -11.58
C GLY C 222 6.53 5.05 -11.98
N HIS C 223 6.15 6.30 -11.71
CA HIS C 223 4.80 6.78 -12.02
C HIS C 223 4.84 8.07 -12.83
N ASP C 224 3.94 8.17 -13.79
CA ASP C 224 3.65 9.43 -14.45
C ASP C 224 2.28 9.29 -15.13
N LYS C 225 1.87 10.30 -15.90
CA LYS C 225 0.58 10.30 -16.56
C LYS C 225 0.36 9.01 -17.35
N TYR C 226 1.40 8.53 -18.01
CA TYR C 226 1.32 7.33 -18.83
C TYR C 226 0.89 6.06 -18.08
N THR C 227 1.53 5.79 -16.93
CA THR C 227 1.18 4.62 -16.12
C THR C 227 -0.23 4.74 -15.56
N GLY C 228 -0.61 5.96 -15.14
CA GLY C 228 -1.98 6.25 -14.72
C GLY C 228 -2.98 6.02 -15.84
N ILE C 229 -2.67 6.54 -17.04
CA ILE C 229 -3.52 6.33 -18.21
C ILE C 229 -3.73 4.83 -18.47
N ASN C 230 -2.66 4.05 -18.32
CA ASN C 230 -2.73 2.62 -18.55
C ASN C 230 -3.77 1.90 -17.71
N TYR C 231 -3.97 2.36 -16.48
CA TYR C 231 -5.03 1.80 -15.64
C TYR C 231 -6.41 1.97 -16.24
N LEU C 232 -6.68 3.13 -16.83
CA LEU C 232 -7.97 3.39 -17.47
C LEU C 232 -8.14 2.52 -18.71
N LEU C 233 -7.06 2.35 -19.47
CA LEU C 233 -7.10 1.53 -20.66
C LEU C 233 -7.41 0.08 -20.28
N LYS C 234 -6.67 -0.47 -19.31
CA LYS C 234 -6.95 -1.83 -18.81
C LYS C 234 -8.38 -1.94 -18.31
N HIS C 235 -8.80 -1.02 -17.43
CA HIS C 235 -10.13 -1.05 -16.84
C HIS C 235 -11.23 -1.04 -17.90
N TYR C 236 -11.17 -0.08 -18.80
CA TYR C 236 -12.21 0.08 -19.84
C TYR C 236 -11.92 -0.68 -21.14
N ASN C 237 -10.85 -1.47 -21.14
CA ASN C 237 -10.41 -2.22 -22.31
C ASN C 237 -10.34 -1.42 -23.61
N ILE C 238 -9.66 -0.29 -23.54
CA ILE C 238 -9.42 0.58 -24.68
C ILE C 238 -7.97 0.39 -25.10
N SER C 239 -7.74 0.28 -26.40
CA SER C 239 -6.41 0.02 -26.92
C SER C 239 -5.70 1.31 -27.28
N ASN C 240 -4.39 1.23 -27.49
CA ASN C 240 -3.56 2.37 -27.89
C ASN C 240 -4.21 3.14 -29.03
N ASP C 241 -4.54 2.42 -30.10
CA ASP C 241 -4.95 3.00 -31.38
C ASP C 241 -6.27 3.75 -31.29
N GLN C 242 -6.89 3.73 -30.10
CA GLN C 242 -8.17 4.38 -29.85
C GLN C 242 -8.07 5.60 -28.93
N VAL C 243 -6.83 6.03 -28.68
CA VAL C 243 -6.59 7.14 -27.77
C VAL C 243 -6.05 8.34 -28.52
N LEU C 244 -6.66 9.51 -28.28
CA LEU C 244 -6.07 10.78 -28.68
C LEU C 244 -5.43 11.36 -27.45
N VAL C 245 -4.17 11.79 -27.55
CA VAL C 245 -3.55 12.47 -26.43
C VAL C 245 -2.96 13.80 -26.87
N VAL C 246 -3.00 14.78 -25.98
CA VAL C 246 -2.52 16.12 -26.29
C VAL C 246 -1.95 16.78 -25.02
N GLY C 247 -0.72 17.25 -25.11
CA GLY C 247 -0.05 17.90 -23.98
C GLY C 247 1.08 18.80 -24.45
N ASP C 248 1.93 19.24 -23.51
CA ASP C 248 2.85 20.34 -23.82
C ASP C 248 4.19 20.38 -23.12
N ALA C 249 4.35 19.64 -22.03
CA ALA C 249 5.53 19.82 -21.17
C ALA C 249 6.17 18.50 -20.74
N GLU C 250 7.13 18.60 -19.83
CA GLU C 250 8.01 17.48 -19.46
C GLU C 250 7.20 16.29 -18.97
N ASN C 251 6.24 16.56 -18.09
CA ASN C 251 5.40 15.49 -17.56
C ASN C 251 4.35 14.90 -18.55
N ASP C 252 4.37 15.34 -19.80
CA ASP C 252 3.58 14.72 -20.86
C ASP C 252 4.38 13.79 -21.78
N ILE C 253 5.70 13.73 -21.58
CA ILE C 253 6.58 13.11 -22.58
C ILE C 253 6.32 11.62 -22.75
N ALA C 254 6.16 10.90 -21.65
CA ALA C 254 5.92 9.47 -21.73
C ALA C 254 4.62 9.18 -22.48
N MET C 255 3.57 9.94 -22.17
CA MET C 255 2.30 9.76 -22.88
C MET C 255 2.33 10.25 -24.35
N LEU C 256 3.18 11.22 -24.69
CA LEU C 256 3.27 11.64 -26.08
C LEU C 256 4.09 10.67 -26.93
N SER C 257 5.10 10.03 -26.33
CA SER C 257 5.95 9.08 -27.05
C SER C 257 5.27 7.73 -27.32
N ASN C 258 4.35 7.34 -26.45
CA ASN C 258 3.80 5.97 -26.46
C ASN C 258 2.45 5.82 -27.12
N PHE C 259 1.85 6.93 -27.54
CA PHE C 259 0.63 6.85 -28.34
C PHE C 259 0.88 7.39 -29.74
N LYS C 260 0.17 6.83 -30.73
CA LYS C 260 0.38 7.20 -32.12
C LYS C 260 -0.39 8.44 -32.54
N TYR C 261 -1.55 8.66 -31.94
CA TYR C 261 -2.33 9.88 -32.18
C TYR C 261 -2.09 10.87 -31.04
N SER C 262 -0.84 11.31 -30.94
CA SER C 262 -0.35 12.18 -29.90
C SER C 262 0.01 13.52 -30.51
N PHE C 263 -0.40 14.59 -29.84
CA PHE C 263 -0.25 15.93 -30.38
C PHE C 263 0.33 16.88 -29.36
N ALA C 264 1.30 17.68 -29.78
CA ALA C 264 1.83 18.75 -28.98
C ALA C 264 1.24 20.06 -29.47
N VAL C 265 0.80 20.89 -28.53
CA VAL C 265 0.31 22.22 -28.85
C VAL C 265 1.49 23.07 -29.30
N ALA C 266 1.21 24.11 -30.09
CA ALA C 266 2.27 24.93 -30.69
C ALA C 266 3.20 25.54 -29.64
N ASN C 267 2.66 25.80 -28.45
CA ASN C 267 3.43 26.37 -27.31
C ASN C 267 4.18 25.33 -26.48
N ALA C 268 4.21 24.09 -26.93
CA ALA C 268 4.88 23.05 -26.17
C ALA C 268 6.39 23.24 -26.14
N THR C 269 7.04 22.51 -25.24
CA THR C 269 8.49 22.47 -25.17
C THR C 269 9.02 21.73 -26.37
N ASP C 270 10.29 21.95 -26.67
CA ASP C 270 10.95 21.32 -27.81
C ASP C 270 10.94 19.81 -27.68
N SER C 271 11.05 19.32 -26.45
CA SER C 271 11.04 17.89 -26.20
C SER C 271 9.65 17.31 -26.41
N ALA C 272 8.63 17.98 -25.87
CA ALA C 272 7.25 17.57 -26.10
C ALA C 272 6.99 17.43 -27.60
N LYS C 273 7.39 18.46 -28.35
CA LYS C 273 7.17 18.50 -29.80
C LYS C 273 7.89 17.39 -30.54
N SER C 274 9.06 17.00 -30.04
CA SER C 274 9.88 16.00 -30.70
C SER C 274 9.32 14.60 -30.48
N HIS C 275 8.72 14.37 -29.32
CA HIS C 275 8.28 13.04 -28.93
C HIS C 275 6.88 12.68 -29.43
N ALA C 276 6.06 13.69 -29.69
CA ALA C 276 4.69 13.51 -30.18
C ALA C 276 4.72 13.30 -31.68
N LYS C 277 3.73 12.60 -32.22
CA LYS C 277 3.68 12.37 -33.66
C LYS C 277 3.56 13.68 -34.44
N CYS C 278 2.78 14.63 -33.94
CA CYS C 278 2.37 15.78 -34.73
C CYS C 278 2.21 17.03 -33.87
N VAL C 279 2.91 18.09 -34.27
CA VAL C 279 2.85 19.39 -33.60
C VAL C 279 1.72 20.27 -34.16
N LEU C 280 0.77 20.66 -33.32
CA LEU C 280 -0.34 21.50 -33.77
C LEU C 280 0.12 22.86 -34.30
N PRO C 281 -0.60 23.37 -35.31
CA PRO C 281 -0.29 24.67 -35.86
C PRO C 281 -0.75 25.80 -34.95
N VAL C 282 -1.49 25.47 -33.90
CA VAL C 282 -2.16 26.46 -33.08
C VAL C 282 -1.81 26.32 -31.57
N SER C 283 -1.67 27.46 -30.90
CA SER C 283 -1.29 27.48 -29.49
C SER C 283 -2.50 27.24 -28.60
N HIS C 284 -2.23 26.89 -27.35
CA HIS C 284 -3.27 26.60 -26.37
C HIS C 284 -4.28 27.74 -26.22
N ARG C 285 -3.79 28.98 -26.21
CA ARG C 285 -4.61 30.18 -26.07
C ARG C 285 -5.39 30.51 -27.35
N GLU C 286 -5.05 29.87 -28.47
CA GLU C 286 -5.80 30.05 -29.71
C GLU C 286 -6.84 28.93 -29.87
N GLY C 287 -7.15 28.25 -28.78
CA GLY C 287 -8.10 27.15 -28.80
C GLY C 287 -7.54 25.94 -29.50
N ALA C 288 -6.37 25.47 -29.04
CA ALA C 288 -5.75 24.28 -29.62
C ALA C 288 -6.59 23.01 -29.43
N VAL C 289 -7.16 22.84 -28.24
CA VAL C 289 -7.96 21.65 -27.97
C VAL C 289 -9.22 21.63 -28.83
N ALA C 290 -9.92 22.76 -28.94
CA ALA C 290 -11.12 22.86 -29.78
C ALA C 290 -10.78 22.60 -31.24
N TYR C 291 -9.66 23.16 -31.71
CA TYR C 291 -9.13 22.90 -33.07
C TYR C 291 -8.99 21.40 -33.37
N LEU C 292 -8.22 20.71 -32.54
CA LEU C 292 -7.93 19.29 -32.70
C LEU C 292 -9.16 18.42 -32.47
N LEU C 293 -9.98 18.77 -31.48
CA LEU C 293 -11.16 17.98 -31.21
C LEU C 293 -12.09 18.02 -32.42
N LYS C 294 -12.23 19.19 -33.06
CA LYS C 294 -13.11 19.29 -34.22
C LYS C 294 -12.51 18.64 -35.44
N LYS C 295 -11.19 18.46 -35.49
CA LYS C 295 -10.56 17.59 -36.50
C LYS C 295 -10.82 16.10 -36.22
N VAL C 296 -10.94 15.74 -34.94
CA VAL C 296 -11.28 14.39 -34.59
C VAL C 296 -12.75 14.14 -34.90
N PHE C 297 -13.59 15.15 -34.64
CA PHE C 297 -15.04 15.01 -34.78
C PHE C 297 -15.45 14.70 -36.21
N ASP C 298 -14.87 15.41 -37.17
CA ASP C 298 -15.24 15.18 -38.57
C ASP C 298 -14.36 14.13 -39.24
N LEU C 299 -13.83 13.19 -38.46
CA LEU C 299 -13.46 11.87 -38.97
C LEU C 299 -14.77 11.13 -39.22
N LYS C 300 -15.59 11.05 -38.17
CA LYS C 300 -16.91 10.43 -38.23
C LYS C 300 -17.94 11.32 -38.97
N LYS D 17 31.27 3.22 -2.79
CA LYS D 17 30.13 3.98 -3.40
C LYS D 17 29.13 3.07 -4.10
N VAL D 18 29.56 1.86 -4.45
CA VAL D 18 28.65 0.82 -4.85
C VAL D 18 27.87 0.35 -3.62
N GLU D 19 28.60 0.13 -2.52
CA GLU D 19 28.00 -0.35 -1.27
C GLU D 19 26.91 0.60 -0.79
N GLU D 20 27.22 1.90 -0.81
CA GLU D 20 26.25 2.92 -0.40
C GLU D 20 25.00 2.87 -1.28
N ALA D 21 25.20 2.79 -2.60
CA ALA D 21 24.09 2.61 -3.53
C ALA D 21 23.29 1.35 -3.26
N LEU D 22 23.91 0.35 -2.65
CA LEU D 22 23.26 -0.92 -2.37
C LEU D 22 22.70 -0.98 -0.94
N LYS D 23 23.04 0.00 -0.10
CA LYS D 23 22.70 0.01 1.33
C LYS D 23 21.21 -0.16 1.61
N GLY D 24 20.87 -1.27 2.25
CA GLY D 24 19.49 -1.54 2.66
C GLY D 24 18.59 -2.03 1.55
N ALA D 25 19.14 -2.83 0.64
CA ALA D 25 18.37 -3.42 -0.43
C ALA D 25 17.97 -4.83 0.00
N ASP D 26 16.73 -5.21 -0.24
CA ASP D 26 16.27 -6.56 0.00
C ASP D 26 16.05 -7.20 -1.37
N ILE D 27 17.16 -7.37 -2.08
CA ILE D 27 17.15 -7.86 -3.44
C ILE D 27 16.75 -9.34 -3.51
N LYS D 28 15.77 -9.63 -4.36
CA LYS D 28 15.29 -11.00 -4.62
C LYS D 28 15.31 -11.37 -6.10
N LEU D 29 15.19 -10.37 -6.97
CA LEU D 29 15.20 -10.56 -8.41
C LEU D 29 16.42 -9.87 -9.04
N LEU D 30 17.13 -10.60 -9.89
CA LEU D 30 18.35 -10.11 -10.50
C LEU D 30 18.17 -9.98 -12.00
N LEU D 31 18.10 -8.74 -12.48
CA LEU D 31 17.86 -8.47 -13.90
C LEU D 31 19.13 -8.03 -14.60
N ILE D 32 19.65 -8.92 -15.44
CA ILE D 32 20.97 -8.80 -16.02
C ILE D 32 20.82 -8.64 -17.51
N ASP D 33 21.32 -7.53 -18.05
CA ASP D 33 21.48 -7.37 -19.50
C ASP D 33 22.48 -8.43 -20.02
N PHE D 34 22.30 -8.90 -21.26
CA PHE D 34 23.21 -9.90 -21.83
C PHE D 34 24.39 -9.24 -22.54
N ASP D 35 24.23 -8.83 -23.79
CA ASP D 35 25.34 -8.22 -24.52
C ASP D 35 25.76 -6.91 -23.89
N GLY D 36 27.07 -6.73 -23.73
CA GLY D 36 27.65 -5.50 -23.18
C GLY D 36 27.77 -5.52 -21.67
N THR D 37 27.19 -6.53 -21.02
CA THR D 37 27.11 -6.58 -19.57
C THR D 37 27.57 -7.97 -19.13
N LEU D 38 26.79 -8.98 -19.50
CA LEU D 38 27.12 -10.36 -19.15
C LEU D 38 27.99 -11.04 -20.21
N PHE D 39 27.70 -10.78 -21.49
CA PHE D 39 28.41 -11.34 -22.62
C PHE D 39 29.36 -10.27 -23.14
N VAL D 40 30.50 -10.68 -23.74
CA VAL D 40 31.61 -9.76 -24.04
C VAL D 40 31.99 -9.71 -25.53
N ASP D 41 32.28 -10.86 -26.13
CA ASP D 41 32.63 -10.94 -27.55
C ASP D 41 32.53 -12.38 -28.08
N LYS D 42 32.62 -12.55 -29.39
CA LYS D 42 32.72 -13.89 -30.04
C LYS D 42 33.49 -14.93 -29.19
N ASP D 43 34.69 -14.56 -28.74
CA ASP D 43 35.62 -15.47 -28.07
C ASP D 43 35.30 -15.73 -26.59
N ILE D 44 35.33 -14.67 -25.79
CA ILE D 44 35.21 -14.75 -24.32
C ILE D 44 33.79 -15.09 -23.88
N LYS D 45 32.81 -14.66 -24.67
CA LYS D 45 31.40 -14.93 -24.39
C LYS D 45 31.06 -14.45 -22.98
N VAL D 46 30.37 -15.27 -22.20
CA VAL D 46 30.18 -14.98 -20.78
C VAL D 46 31.43 -15.48 -20.05
N PRO D 47 32.19 -14.55 -19.42
CA PRO D 47 33.31 -14.94 -18.54
C PRO D 47 32.87 -15.92 -17.46
N SER D 48 33.78 -16.82 -17.07
CA SER D 48 33.48 -17.86 -16.08
C SER D 48 33.15 -17.32 -14.67
N GLU D 49 33.66 -16.14 -14.32
CA GLU D 49 33.28 -15.47 -13.05
C GLU D 49 31.78 -15.23 -13.02
N ASN D 50 31.24 -14.75 -14.14
CA ASN D 50 29.83 -14.46 -14.23
C ASN D 50 29.01 -15.73 -14.17
N ILE D 51 29.48 -16.78 -14.82
CA ILE D 51 28.78 -18.06 -14.72
C ILE D 51 28.76 -18.55 -13.27
N ASP D 52 29.91 -18.50 -12.60
CA ASP D 52 29.99 -18.86 -11.17
C ASP D 52 29.13 -17.98 -10.27
N ALA D 53 29.12 -16.68 -10.54
CA ALA D 53 28.26 -15.73 -9.83
C ALA D 53 26.78 -16.09 -9.93
N ILE D 54 26.31 -16.41 -11.13
CA ILE D 54 24.90 -16.74 -11.38
C ILE D 54 24.56 -18.09 -10.75
N LYS D 55 25.44 -19.06 -10.93
CA LYS D 55 25.31 -20.35 -10.26
C LYS D 55 25.02 -20.13 -8.77
N GLU D 56 25.77 -19.24 -8.14
CA GLU D 56 25.68 -19.00 -6.70
C GLU D 56 24.37 -18.31 -6.30
N ALA D 57 24.00 -17.26 -7.04
CA ALA D 57 22.71 -16.61 -6.85
C ALA D 57 21.57 -17.63 -6.79
N ILE D 58 21.55 -18.56 -7.75
CA ILE D 58 20.48 -19.55 -7.81
C ILE D 58 20.55 -20.53 -6.62
N GLU D 59 21.76 -20.92 -6.22
CA GLU D 59 21.96 -21.70 -5.00
C GLU D 59 21.50 -20.90 -3.77
N LYS D 60 21.85 -19.62 -3.75
CA LYS D 60 21.49 -18.74 -2.63
C LYS D 60 20.02 -18.30 -2.70
N GLY D 61 19.29 -18.76 -3.72
CA GLY D 61 17.83 -18.59 -3.73
C GLY D 61 17.31 -17.39 -4.50
N TYR D 62 18.21 -16.53 -4.98
CA TYR D 62 17.81 -15.41 -5.82
C TYR D 62 17.18 -15.93 -7.13
N MET D 63 16.20 -15.17 -7.65
CA MET D 63 15.66 -15.37 -8.99
C MET D 63 16.47 -14.56 -10.02
N VAL D 64 16.86 -15.22 -11.10
CA VAL D 64 17.65 -14.61 -12.15
C VAL D 64 16.79 -14.50 -13.41
N SER D 65 16.92 -13.38 -14.10
CA SER D 65 16.29 -13.19 -15.40
C SER D 65 17.19 -12.39 -16.31
N ILE D 66 17.42 -12.88 -17.52
CA ILE D 66 18.19 -12.11 -18.48
C ILE D 66 17.22 -11.21 -19.22
N CYS D 67 17.65 -9.96 -19.42
CA CYS D 67 16.87 -8.93 -20.05
C CYS D 67 17.63 -8.42 -21.27
N THR D 68 17.07 -8.64 -22.47
CA THR D 68 17.83 -8.49 -23.70
C THR D 68 16.95 -8.41 -24.94
N GLY D 69 17.53 -7.95 -26.04
CA GLY D 69 16.89 -7.96 -27.36
C GLY D 69 17.01 -9.34 -28.01
N ARG D 70 17.79 -10.22 -27.40
CA ARG D 70 17.96 -11.55 -27.95
C ARG D 70 16.75 -12.40 -27.66
N SER D 71 16.65 -13.49 -28.41
CA SER D 71 15.68 -14.53 -28.13
C SER D 71 16.33 -15.43 -27.10
N LYS D 72 15.53 -16.27 -26.48
CA LYS D 72 16.05 -17.19 -25.48
C LYS D 72 17.05 -18.16 -26.07
N VAL D 73 16.73 -18.75 -27.22
CA VAL D 73 17.67 -19.70 -27.86
C VAL D 73 18.98 -19.00 -28.22
N GLY D 74 18.91 -17.74 -28.63
CA GLY D 74 20.09 -16.97 -28.93
C GLY D 74 21.04 -16.98 -27.75
N ILE D 75 20.48 -16.67 -26.58
CA ILE D 75 21.20 -16.62 -25.32
C ILE D 75 21.63 -18.01 -24.82
N LEU D 76 20.78 -19.02 -25.01
CA LEU D 76 21.16 -20.36 -24.63
C LEU D 76 22.37 -20.79 -25.43
N SER D 77 22.38 -20.50 -26.73
CA SER D 77 23.51 -20.84 -27.60
C SER D 77 24.75 -20.06 -27.21
N ALA D 78 24.55 -18.78 -26.87
CA ALA D 78 25.63 -17.92 -26.43
C ALA D 78 26.25 -18.44 -25.13
N PHE D 79 25.40 -18.96 -24.23
CA PHE D 79 25.85 -19.67 -23.01
C PHE D 79 26.56 -21.00 -23.27
N GLY D 80 26.01 -21.81 -24.16
CA GLY D 80 26.49 -23.18 -24.36
C GLY D 80 25.96 -24.13 -23.31
N GLU D 81 25.58 -25.34 -23.74
CA GLU D 81 25.01 -26.39 -22.88
C GLU D 81 25.77 -26.65 -21.56
N GLU D 82 27.10 -26.58 -21.60
CA GLU D 82 27.90 -26.88 -20.40
C GLU D 82 27.59 -25.90 -19.29
N ASN D 83 27.73 -24.61 -19.62
CA ASN D 83 27.41 -23.54 -18.67
C ASN D 83 25.97 -23.57 -18.14
N LEU D 84 25.02 -24.00 -18.97
CA LEU D 84 23.63 -24.16 -18.49
C LEU D 84 23.49 -25.25 -17.43
N LYS D 85 24.31 -26.31 -17.55
CA LYS D 85 24.31 -27.41 -16.58
C LYS D 85 24.96 -26.92 -15.29
N LYS D 86 26.07 -26.22 -15.43
CA LYS D 86 26.77 -25.66 -14.27
C LYS D 86 25.88 -24.70 -13.45
N MET D 87 25.31 -23.70 -14.12
CA MET D 87 24.51 -22.69 -13.43
C MET D 87 23.18 -23.23 -12.93
N ASN D 88 22.73 -24.33 -13.51
CA ASN D 88 21.37 -24.77 -13.36
C ASN D 88 20.42 -23.61 -13.69
N PHE D 89 20.46 -23.20 -14.94
CA PHE D 89 19.69 -22.05 -15.41
C PHE D 89 19.53 -22.19 -16.90
N TYR D 90 18.30 -22.10 -17.37
CA TYR D 90 18.00 -22.35 -18.78
C TYR D 90 17.13 -21.23 -19.37
N GLY D 91 17.49 -19.98 -19.04
CA GLY D 91 16.80 -18.80 -19.55
C GLY D 91 15.37 -18.63 -19.07
N MET D 92 15.00 -19.35 -18.02
CA MET D 92 13.68 -19.21 -17.42
C MET D 92 13.86 -18.82 -15.97
N PRO D 93 13.31 -17.67 -15.54
CA PRO D 93 12.54 -16.71 -16.31
C PRO D 93 13.47 -15.85 -17.17
N GLY D 94 12.88 -15.09 -18.08
CA GLY D 94 13.62 -14.23 -18.96
C GLY D 94 12.76 -13.24 -19.68
N VAL D 95 13.35 -12.09 -19.99
CA VAL D 95 12.73 -11.03 -20.77
C VAL D 95 13.55 -10.86 -22.05
N TYR D 96 12.94 -11.24 -23.17
CA TYR D 96 13.59 -11.37 -24.45
C TYR D 96 12.98 -10.44 -25.46
N ILE D 97 13.76 -10.13 -26.49
CA ILE D 97 13.30 -9.32 -27.62
C ILE D 97 12.74 -8.01 -27.12
N ASN D 98 13.53 -7.36 -26.29
CA ASN D 98 13.22 -6.06 -25.72
C ASN D 98 11.82 -5.99 -25.12
N GLY D 99 11.47 -7.03 -24.37
CA GLY D 99 10.24 -7.00 -23.57
C GLY D 99 9.01 -7.62 -24.20
N THR D 100 9.09 -8.00 -25.46
CA THR D 100 7.95 -8.57 -26.17
C THR D 100 7.78 -10.10 -25.99
N ILE D 101 8.83 -10.78 -25.55
CA ILE D 101 8.74 -12.21 -25.18
C ILE D 101 9.25 -12.41 -23.76
N VAL D 102 8.35 -12.84 -22.88
CA VAL D 102 8.64 -12.98 -21.47
C VAL D 102 8.23 -14.38 -21.06
N TYR D 103 9.16 -15.10 -20.44
CA TYR D 103 8.87 -16.42 -19.91
C TYR D 103 8.92 -16.35 -18.39
N ASP D 104 8.12 -17.18 -17.72
CA ASP D 104 8.28 -17.32 -16.28
C ASP D 104 9.25 -18.47 -15.98
N GLN D 105 9.56 -18.67 -14.71
CA GLN D 105 10.56 -19.63 -14.30
C GLN D 105 10.30 -21.05 -14.80
N ILE D 106 9.04 -21.36 -15.09
CA ILE D 106 8.59 -22.72 -15.47
C ILE D 106 8.48 -22.87 -16.99
N GLY D 107 8.56 -21.77 -17.73
CA GLY D 107 8.52 -21.80 -19.18
C GLY D 107 7.22 -21.31 -19.81
N TYR D 108 6.21 -21.01 -19.01
CA TYR D 108 4.97 -20.46 -19.53
C TYR D 108 5.24 -19.11 -20.23
N THR D 109 4.62 -18.93 -21.41
CA THR D 109 4.78 -17.72 -22.19
C THR D 109 3.85 -16.62 -21.67
N LEU D 110 4.38 -15.77 -20.80
CA LEU D 110 3.58 -14.73 -20.18
C LEU D 110 3.21 -13.65 -21.19
N LEU D 111 4.01 -13.52 -22.24
CA LEU D 111 3.87 -12.42 -23.16
C LEU D 111 4.52 -12.77 -24.50
N ASP D 112 3.77 -12.59 -25.58
CA ASP D 112 4.28 -12.77 -26.93
C ASP D 112 3.68 -11.71 -27.86
N GLU D 113 4.21 -10.49 -27.75
CA GLU D 113 3.68 -9.35 -28.51
C GLU D 113 4.32 -9.25 -29.87
N THR D 114 3.52 -9.37 -30.91
CA THR D 114 4.00 -9.15 -32.27
C THR D 114 3.56 -7.78 -32.74
N ILE D 115 4.21 -7.30 -33.81
CA ILE D 115 3.87 -6.02 -34.41
C ILE D 115 2.53 -6.15 -35.14
N GLU D 116 1.67 -5.16 -34.98
CA GLU D 116 0.36 -5.13 -35.66
C GLU D 116 0.55 -5.26 -37.17
N THR D 117 -0.35 -6.01 -37.80
CA THR D 117 -0.15 -6.43 -39.19
C THR D 117 -0.17 -5.27 -40.18
N ASP D 118 -0.91 -4.20 -39.87
CA ASP D 118 -0.99 -3.03 -40.77
C ASP D 118 0.35 -2.29 -40.75
N VAL D 119 0.84 -1.98 -39.54
CA VAL D 119 2.15 -1.32 -39.33
C VAL D 119 3.32 -2.15 -39.89
N TYR D 120 3.31 -3.45 -39.61
CA TYR D 120 4.31 -4.37 -40.12
C TYR D 120 4.36 -4.36 -41.64
N ALA D 121 3.21 -4.41 -42.30
CA ALA D 121 3.16 -4.37 -43.76
C ALA D 121 3.70 -3.06 -44.29
N GLU D 122 3.34 -1.97 -43.64
CA GLU D 122 3.88 -0.66 -43.98
C GLU D 122 5.41 -0.66 -43.78
N LEU D 123 5.86 -1.35 -42.74
CA LEU D 123 7.30 -1.43 -42.43
C LEU D 123 8.07 -2.22 -43.47
N ILE D 124 7.54 -3.36 -43.87
CA ILE D 124 8.17 -4.17 -44.90
C ILE D 124 8.22 -3.36 -46.18
N SER D 125 7.17 -2.59 -46.42
CA SER D 125 7.06 -1.72 -47.58
C SER D 125 8.25 -0.73 -47.60
N TYR D 126 8.45 -0.04 -46.48
CA TYR D 126 9.56 0.91 -46.32
C TYR D 126 10.94 0.29 -46.48
N LEU D 127 11.15 -0.90 -45.90
CA LEU D 127 12.45 -1.59 -46.02
C LEU D 127 12.76 -2.04 -47.45
N VAL D 128 11.72 -2.46 -48.18
CA VAL D 128 11.91 -2.88 -49.57
C VAL D 128 12.35 -1.67 -50.39
N GLU D 129 11.67 -0.57 -50.14
CA GLU D 129 11.87 0.70 -50.82
C GLU D 129 13.22 1.33 -50.51
N LYS D 130 13.77 1.04 -49.34
CA LYS D 130 15.06 1.59 -48.99
C LYS D 130 16.15 0.55 -49.21
N ASN D 131 15.75 -0.60 -49.76
CA ASN D 131 16.69 -1.64 -50.10
C ASN D 131 17.40 -2.11 -48.82
N LEU D 132 16.62 -2.35 -47.78
CA LEU D 132 17.15 -2.75 -46.48
C LEU D 132 16.72 -4.13 -46.06
N VAL D 133 15.82 -4.75 -46.82
CA VAL D 133 15.39 -6.12 -46.54
C VAL D 133 16.59 -7.07 -46.52
N ASN D 134 17.54 -6.85 -47.44
CA ASN D 134 18.65 -7.78 -47.63
C ASN D 134 19.75 -7.62 -46.60
N GLN D 135 19.51 -6.76 -45.61
CA GLN D 135 20.35 -6.76 -44.42
C GLN D 135 19.50 -6.75 -43.14
N THR D 136 18.28 -7.27 -43.26
CA THR D 136 17.31 -7.33 -42.15
C THR D 136 17.20 -8.76 -41.60
N ILE D 137 17.17 -8.90 -40.28
CA ILE D 137 16.95 -10.20 -39.62
C ILE D 137 15.55 -10.22 -39.03
N PHE D 138 14.74 -11.17 -39.46
CA PHE D 138 13.33 -11.29 -39.08
C PHE D 138 13.20 -12.23 -37.88
N HIS D 139 12.66 -11.74 -36.77
CA HIS D 139 12.53 -12.55 -35.54
C HIS D 139 11.06 -12.87 -35.21
N ARG D 140 10.76 -14.17 -35.08
CA ARG D 140 9.45 -14.62 -34.60
C ARG D 140 9.64 -15.75 -33.58
N GLY D 141 9.29 -15.45 -32.33
CA GLY D 141 9.41 -16.44 -31.26
C GLY D 141 10.86 -16.78 -31.04
N GLU D 142 11.21 -18.05 -31.27
CA GLU D 142 12.57 -18.52 -31.04
C GLU D 142 13.35 -18.72 -32.34
N SER D 143 12.76 -18.34 -33.46
CA SER D 143 13.40 -18.45 -34.76
C SER D 143 13.72 -17.07 -35.37
N ASN D 144 14.74 -17.04 -36.19
CA ASN D 144 14.97 -15.87 -37.02
C ASN D 144 15.33 -16.24 -38.45
N TYR D 145 14.97 -15.35 -39.35
CA TYR D 145 15.03 -15.59 -40.79
C TYR D 145 15.78 -14.48 -41.50
N VAL D 146 16.49 -14.83 -42.56
CA VAL D 146 17.01 -13.82 -43.49
C VAL D 146 16.72 -14.30 -44.89
N THR D 147 16.92 -13.41 -45.84
CA THR D 147 16.52 -13.65 -47.21
C THR D 147 17.66 -14.31 -48.03
N GLU D 148 17.35 -14.81 -49.24
CA GLU D 148 18.35 -15.53 -50.04
C GLU D 148 19.52 -14.61 -50.41
N ASP D 149 19.23 -13.33 -50.62
CA ASP D 149 20.22 -12.35 -51.07
C ASP D 149 20.85 -11.54 -49.94
N ASN D 150 20.69 -12.02 -48.72
CA ASN D 150 21.27 -11.38 -47.55
C ASN D 150 22.73 -11.80 -47.47
N LYS D 151 23.63 -10.83 -47.40
CA LYS D 151 25.08 -11.08 -47.30
C LYS D 151 25.52 -11.51 -45.89
N TYR D 152 24.92 -10.89 -44.86
CA TYR D 152 25.24 -11.19 -43.47
C TYR D 152 24.48 -12.44 -42.96
N ALA D 153 24.41 -13.48 -43.79
CA ALA D 153 23.59 -14.66 -43.46
C ALA D 153 24.00 -15.32 -42.14
N ASP D 154 25.29 -15.30 -41.84
CA ASP D 154 25.85 -15.96 -40.63
C ASP D 154 26.32 -14.92 -39.61
N PHE D 155 25.57 -13.82 -39.47
CA PHE D 155 25.96 -12.67 -38.64
C PHE D 155 25.79 -12.92 -37.13
N LEU D 156 24.62 -13.41 -36.76
CA LEU D 156 24.34 -13.75 -35.38
C LEU D 156 25.19 -14.93 -34.93
N GLN D 157 25.54 -15.80 -35.87
CA GLN D 157 26.49 -16.87 -35.59
C GLN D 157 27.93 -16.34 -35.44
N LYS D 158 28.45 -15.69 -36.47
CA LYS D 158 29.85 -15.25 -36.47
C LYS D 158 30.14 -14.20 -35.42
N MET D 159 29.17 -13.34 -35.12
CA MET D 159 29.40 -12.22 -34.21
C MET D 159 28.80 -12.36 -32.81
N TYR D 160 27.83 -13.25 -32.63
CA TYR D 160 27.15 -13.35 -31.34
C TYR D 160 27.02 -14.76 -30.74
N SER D 161 27.69 -15.75 -31.33
CA SER D 161 27.66 -17.14 -30.84
C SER D 161 26.26 -17.73 -30.88
N GLU D 162 25.50 -17.39 -31.92
CA GLU D 162 24.12 -17.82 -32.08
C GLU D 162 24.11 -18.87 -33.19
N ASN D 163 22.93 -19.41 -33.51
CA ASN D 163 22.84 -20.33 -34.63
C ASN D 163 22.70 -19.59 -35.94
N ARG D 164 22.99 -20.26 -37.05
CA ARG D 164 22.79 -19.64 -38.35
C ARG D 164 21.31 -19.26 -38.41
N SER D 165 21.01 -18.08 -38.91
CA SER D 165 19.62 -17.72 -39.23
C SER D 165 19.09 -18.61 -40.37
N ILE D 166 17.80 -18.92 -40.36
CA ILE D 166 17.20 -19.66 -41.45
C ILE D 166 17.08 -18.76 -42.69
N ILE D 167 17.60 -19.25 -43.81
CA ILE D 167 17.55 -18.51 -45.07
C ILE D 167 16.27 -18.87 -45.84
N ILE D 168 15.57 -17.87 -46.37
CA ILE D 168 14.38 -18.14 -47.19
C ILE D 168 14.33 -17.26 -48.44
N ARG D 169 13.51 -17.69 -49.41
CA ARG D 169 13.27 -16.90 -50.61
C ARG D 169 12.50 -15.61 -50.22
N HIS D 170 12.69 -14.56 -50.99
CA HIS D 170 12.06 -13.29 -50.73
C HIS D 170 10.52 -13.39 -50.77
N ASN D 171 9.99 -14.14 -51.73
CA ASN D 171 8.54 -14.35 -51.84
C ASN D 171 7.98 -15.11 -50.63
N GLU D 172 8.82 -15.96 -50.04
CA GLU D 172 8.51 -16.68 -48.80
C GLU D 172 8.46 -15.76 -47.59
N MET D 173 9.31 -14.73 -47.58
CA MET D 173 9.37 -13.77 -46.47
CA MET D 173 9.35 -13.81 -46.44
C MET D 173 8.12 -12.91 -46.45
N LEU D 174 7.62 -12.58 -47.65
CA LEU D 174 6.41 -11.75 -47.81
C LEU D 174 5.15 -12.49 -47.37
N LYS D 175 5.24 -13.81 -47.31
CA LYS D 175 4.13 -14.63 -46.87
C LYS D 175 3.78 -14.38 -45.39
N TYR D 176 4.78 -13.97 -44.59
CA TYR D 176 4.58 -13.79 -43.14
C TYR D 176 4.09 -12.38 -42.78
N ARG D 177 2.97 -12.32 -42.08
CA ARG D 177 2.24 -11.08 -41.87
C ARG D 177 2.62 -10.34 -40.59
N THR D 178 3.49 -10.94 -39.76
CA THR D 178 4.11 -10.23 -38.62
C THR D 178 5.40 -10.86 -38.06
N MET D 179 6.04 -10.14 -37.14
CA MET D 179 7.24 -10.57 -36.44
C MET D 179 7.25 -9.95 -35.05
N ASN D 180 8.12 -10.46 -34.17
CA ASN D 180 8.34 -9.84 -32.84
C ASN D 180 9.31 -8.67 -32.98
N LYS D 181 10.29 -8.85 -33.86
CA LYS D 181 11.35 -7.89 -34.03
C LYS D 181 11.94 -7.98 -35.42
N LEU D 182 12.38 -6.84 -35.93
CA LEU D 182 13.28 -6.81 -37.08
C LEU D 182 14.57 -6.16 -36.61
N MET D 183 15.70 -6.86 -36.80
CA MET D 183 17.01 -6.26 -36.60
C MET D 183 17.56 -5.89 -37.98
N ILE D 184 17.82 -4.60 -38.18
CA ILE D 184 18.46 -4.14 -39.40
C ILE D 184 19.95 -3.98 -39.11
N VAL D 185 20.78 -4.78 -39.78
CA VAL D 185 22.24 -4.70 -39.65
C VAL D 185 22.75 -3.60 -40.58
N LEU D 186 23.50 -2.67 -40.03
CA LEU D 186 23.84 -1.42 -40.71
C LEU D 186 25.34 -1.17 -40.67
N ASP D 187 25.83 -0.50 -41.71
CA ASP D 187 27.21 -0.06 -41.78
C ASP D 187 27.35 1.18 -40.90
N PRO D 188 28.45 1.28 -40.13
CA PRO D 188 28.63 2.49 -39.32
C PRO D 188 28.58 3.78 -40.15
N SER D 189 28.93 3.70 -41.44
CA SER D 189 28.87 4.84 -42.37
C SER D 189 27.49 5.00 -43.00
N GLU D 190 26.45 4.86 -42.18
CA GLU D 190 25.09 4.63 -42.68
C GLU D 190 24.09 4.57 -41.52
N SER D 191 24.52 3.93 -40.43
CA SER D 191 23.73 3.79 -39.21
C SER D 191 22.89 5.02 -38.89
N LYS D 192 23.53 6.18 -38.76
CA LYS D 192 22.86 7.39 -38.26
C LYS D 192 21.75 7.90 -39.21
N THR D 193 21.98 7.80 -40.51
CA THR D 193 20.98 8.28 -41.48
C THR D 193 19.81 7.28 -41.63
N VAL D 194 20.12 6.00 -41.79
CA VAL D 194 19.07 4.96 -41.94
C VAL D 194 18.13 4.95 -40.73
N ILE D 195 18.72 5.00 -39.54
CA ILE D 195 17.97 5.03 -38.30
C ILE D 195 17.16 6.32 -38.19
N GLY D 196 17.78 7.43 -38.56
CA GLY D 196 17.14 8.74 -38.50
C GLY D 196 15.90 8.83 -39.35
N ASN D 197 15.95 8.23 -40.54
CA ASN D 197 14.81 8.21 -41.47
C ASN D 197 13.73 7.19 -41.11
N LEU D 198 14.17 6.07 -40.53
CA LEU D 198 13.24 5.04 -40.07
C LEU D 198 12.40 5.63 -38.96
N LYS D 199 13.09 6.28 -38.02
CA LYS D 199 12.48 6.89 -36.85
C LYS D 199 11.43 7.93 -37.22
N GLN D 200 11.68 8.71 -38.25
CA GLN D 200 10.69 9.70 -38.63
C GLN D 200 9.54 9.10 -39.43
N LYS D 201 9.80 8.09 -40.25
CA LYS D 201 8.71 7.38 -40.94
C LYS D 201 7.84 6.65 -39.92
N PHE D 202 8.44 6.04 -38.91
CA PHE D 202 7.70 5.16 -38.02
C PHE D 202 7.62 5.64 -36.57
N LYS D 203 7.87 6.94 -36.42
CA LYS D 203 7.67 7.68 -35.19
C LYS D 203 6.26 7.46 -34.63
N ASN D 204 6.22 7.13 -33.34
CA ASN D 204 4.97 6.88 -32.64
C ASN D 204 4.18 5.72 -33.27
N LYS D 205 4.89 4.76 -33.86
CA LYS D 205 4.25 3.63 -34.50
C LYS D 205 4.96 2.31 -34.22
N LEU D 206 6.26 2.40 -33.97
CA LEU D 206 7.08 1.27 -33.56
C LEU D 206 8.06 1.70 -32.49
N THR D 207 8.58 0.73 -31.75
CA THR D 207 9.70 0.95 -30.86
C THR D 207 10.98 0.71 -31.66
N ILE D 208 11.86 1.71 -31.71
CA ILE D 208 13.12 1.60 -32.46
C ILE D 208 14.32 1.95 -31.57
N PHE D 209 15.17 0.97 -31.32
CA PHE D 209 16.39 1.17 -30.57
C PHE D 209 17.61 1.11 -31.49
N THR D 210 18.56 2.01 -31.24
CA THR D 210 19.88 1.91 -31.84
C THR D 210 20.70 0.97 -30.98
N THR D 211 21.15 -0.12 -31.57
CA THR D 211 22.07 -1.03 -30.89
C THR D 211 23.48 -0.44 -30.69
N TYR D 212 24.18 -0.92 -29.67
CA TYR D 212 25.52 -0.44 -29.36
C TYR D 212 26.39 -0.20 -30.61
N ASN D 213 26.42 -1.16 -31.53
CA ASN D 213 27.19 -1.05 -32.79
C ASN D 213 26.50 -0.39 -33.99
N GLY D 214 25.47 0.43 -33.74
CA GLY D 214 24.81 1.18 -34.79
C GLY D 214 23.78 0.42 -35.59
N HIS D 215 23.22 -0.63 -35.02
CA HIS D 215 22.18 -1.41 -35.68
C HIS D 215 20.80 -1.04 -35.15
N ALA D 216 19.75 -1.37 -35.91
CA ALA D 216 18.37 -1.03 -35.56
C ALA D 216 17.61 -2.26 -35.05
N GLU D 217 17.00 -2.15 -33.87
CA GLU D 217 16.09 -3.18 -33.36
C GLU D 217 14.67 -2.62 -33.31
N VAL D 218 13.76 -3.20 -34.10
CA VAL D 218 12.43 -2.66 -34.27
C VAL D 218 11.40 -3.60 -33.66
N THR D 219 10.68 -3.13 -32.65
CA THR D 219 9.67 -3.93 -31.95
C THR D 219 8.36 -3.15 -31.85
N LYS D 220 7.34 -3.75 -31.26
CA LYS D 220 6.01 -3.12 -31.21
C LYS D 220 6.05 -1.86 -30.35
N LEU D 221 5.18 -0.89 -30.67
CA LEU D 221 5.16 0.41 -29.95
C LEU D 221 4.73 0.21 -28.52
N GLY D 222 5.44 0.85 -27.59
CA GLY D 222 5.15 0.80 -26.16
C GLY D 222 5.68 -0.44 -25.43
N HIS D 223 6.69 -1.10 -25.99
CA HIS D 223 7.29 -2.25 -25.34
C HIS D 223 8.79 -2.05 -25.24
N ASP D 224 9.35 -2.57 -24.16
CA ASP D 224 10.78 -2.59 -23.94
C ASP D 224 11.06 -3.50 -22.75
N LYS D 225 12.32 -3.64 -22.37
CA LYS D 225 12.71 -4.53 -21.28
C LYS D 225 11.90 -4.24 -20.03
N TYR D 226 11.69 -2.96 -19.72
CA TYR D 226 11.01 -2.57 -18.49
C TYR D 226 9.55 -3.07 -18.37
N THR D 227 8.79 -3.00 -19.46
CA THR D 227 7.39 -3.40 -19.45
C THR D 227 7.30 -4.92 -19.41
N GLY D 228 8.28 -5.59 -20.01
CA GLY D 228 8.38 -7.03 -19.89
C GLY D 228 8.66 -7.44 -18.46
N ILE D 229 9.72 -6.88 -17.90
CA ILE D 229 10.08 -7.05 -16.49
C ILE D 229 8.86 -6.98 -15.57
N ASN D 230 7.99 -5.99 -15.80
CA ASN D 230 6.80 -5.77 -14.96
C ASN D 230 5.81 -6.91 -14.89
N TYR D 231 5.76 -7.73 -15.95
CA TYR D 231 4.95 -8.94 -15.96
C TYR D 231 5.49 -9.99 -15.00
N LEU D 232 6.82 -10.00 -14.81
CA LEU D 232 7.42 -10.88 -13.81
C LEU D 232 7.17 -10.33 -12.41
N LEU D 233 7.28 -9.01 -12.25
CA LEU D 233 6.96 -8.38 -10.96
C LEU D 233 5.54 -8.77 -10.53
N LYS D 234 4.58 -8.48 -11.39
CA LYS D 234 3.18 -8.78 -11.07
C LYS D 234 2.96 -10.26 -10.85
N HIS D 235 3.50 -11.11 -11.74
CA HIS D 235 3.30 -12.55 -11.67
C HIS D 235 3.93 -13.21 -10.42
N TYR D 236 5.14 -12.78 -10.06
CA TYR D 236 5.81 -13.29 -8.86
C TYR D 236 5.67 -12.36 -7.62
N ASN D 237 4.80 -11.35 -7.73
CA ASN D 237 4.53 -10.48 -6.61
C ASN D 237 5.81 -9.95 -6.01
N ILE D 238 6.66 -9.40 -6.88
CA ILE D 238 7.91 -8.76 -6.46
C ILE D 238 7.77 -7.25 -6.59
N SER D 239 8.24 -6.53 -5.57
CA SER D 239 8.17 -5.08 -5.59
C SER D 239 9.46 -4.55 -6.16
N ASN D 240 9.41 -3.30 -6.60
CA ASN D 240 10.52 -2.70 -7.32
C ASN D 240 11.76 -2.47 -6.47
N ASP D 241 11.56 -2.33 -5.16
CA ASP D 241 12.66 -2.21 -4.19
C ASP D 241 13.43 -3.52 -4.00
N GLN D 242 12.85 -4.64 -4.47
CA GLN D 242 13.48 -5.96 -4.34
C GLN D 242 14.17 -6.38 -5.63
N VAL D 243 14.33 -5.44 -6.55
CA VAL D 243 14.88 -5.70 -7.86
C VAL D 243 16.27 -5.07 -7.98
N LEU D 244 17.25 -5.86 -8.40
CA LEU D 244 18.53 -5.37 -8.87
C LEU D 244 18.51 -5.33 -10.39
N VAL D 245 19.14 -4.32 -10.98
CA VAL D 245 19.24 -4.26 -12.44
C VAL D 245 20.58 -3.67 -12.90
N VAL D 246 21.14 -4.28 -13.94
CA VAL D 246 22.42 -3.83 -14.52
C VAL D 246 22.38 -3.91 -16.05
N GLY D 247 22.90 -2.89 -16.73
CA GLY D 247 22.81 -2.79 -18.18
C GLY D 247 23.84 -1.85 -18.76
N ASP D 248 23.81 -1.65 -20.08
CA ASP D 248 24.89 -0.98 -20.76
C ASP D 248 24.50 0.08 -21.82
N ALA D 249 23.31 -0.04 -22.40
CA ALA D 249 23.02 0.63 -23.66
C ALA D 249 21.66 1.35 -23.70
N GLU D 250 21.25 1.74 -24.92
CA GLU D 250 20.01 2.48 -25.12
C GLU D 250 18.76 1.72 -24.74
N ASN D 251 18.76 0.40 -24.95
CA ASN D 251 17.57 -0.38 -24.70
C ASN D 251 17.44 -0.80 -23.25
N ASP D 252 18.35 -0.30 -22.43
CA ASP D 252 18.34 -0.53 -20.98
C ASP D 252 17.87 0.70 -20.23
N ILE D 253 17.78 1.84 -20.91
CA ILE D 253 17.54 3.11 -20.21
C ILE D 253 16.24 3.11 -19.38
N ALA D 254 15.17 2.51 -19.89
CA ALA D 254 13.91 2.47 -19.16
C ALA D 254 14.00 1.68 -17.86
N MET D 255 14.75 0.58 -17.87
CA MET D 255 14.83 -0.25 -16.67
C MET D 255 15.90 0.26 -15.70
N LEU D 256 16.90 0.98 -16.21
CA LEU D 256 17.86 1.64 -15.32
C LEU D 256 17.21 2.81 -14.57
N SER D 257 16.40 3.58 -15.29
CA SER D 257 15.74 4.76 -14.77
C SER D 257 14.69 4.46 -13.69
N ASN D 258 13.95 3.36 -13.84
CA ASN D 258 12.75 3.14 -13.03
C ASN D 258 12.94 2.29 -11.78
N PHE D 259 14.13 1.72 -11.62
CA PHE D 259 14.49 0.97 -10.42
C PHE D 259 15.55 1.72 -9.61
N LYS D 260 15.48 1.60 -8.30
CA LYS D 260 16.42 2.34 -7.45
C LYS D 260 17.77 1.68 -7.36
N TYR D 261 17.80 0.35 -7.38
CA TYR D 261 19.05 -0.40 -7.37
C TYR D 261 19.45 -0.72 -8.81
N SER D 262 19.94 0.29 -9.51
CA SER D 262 20.21 0.22 -10.94
C SER D 262 21.64 0.60 -11.24
N PHE D 263 22.32 -0.26 -12.01
CA PHE D 263 23.73 -0.15 -12.19
C PHE D 263 24.11 -0.16 -13.65
N ALA D 264 25.13 0.60 -13.99
CA ALA D 264 25.71 0.62 -15.33
C ALA D 264 27.11 0.06 -15.26
N VAL D 265 27.45 -0.82 -16.20
CA VAL D 265 28.82 -1.27 -16.36
C VAL D 265 29.70 -0.11 -16.85
N ALA D 266 30.98 -0.13 -16.52
CA ALA D 266 31.86 0.99 -16.88
C ALA D 266 31.90 1.27 -18.38
N ASN D 267 31.72 0.22 -19.19
CA ASN D 267 31.72 0.34 -20.65
C ASN D 267 30.37 0.80 -21.20
N ALA D 268 29.46 1.20 -20.31
CA ALA D 268 28.10 1.55 -20.71
C ALA D 268 28.10 2.84 -21.49
N THR D 269 27.03 3.05 -22.24
CA THR D 269 26.78 4.32 -22.92
C THR D 269 26.71 5.45 -21.90
N ASP D 270 26.97 6.66 -22.38
CA ASP D 270 26.89 7.85 -21.54
C ASP D 270 25.48 8.02 -20.99
N SER D 271 24.50 7.83 -21.85
CA SER D 271 23.11 7.91 -21.46
C SER D 271 22.74 6.84 -20.40
N ALA D 272 23.26 5.62 -20.56
CA ALA D 272 22.97 4.54 -19.61
C ALA D 272 23.56 4.85 -18.22
N LYS D 273 24.76 5.40 -18.18
CA LYS D 273 25.43 5.76 -16.93
C LYS D 273 24.68 6.84 -16.14
N SER D 274 24.12 7.80 -16.86
CA SER D 274 23.42 8.94 -16.24
C SER D 274 21.93 8.68 -15.88
N HIS D 275 21.40 7.51 -16.25
CA HIS D 275 20.03 7.11 -15.87
C HIS D 275 20.03 6.03 -14.78
N ALA D 276 21.14 5.29 -14.67
CA ALA D 276 21.36 4.34 -13.58
C ALA D 276 21.61 5.10 -12.27
N LYS D 277 21.40 4.42 -11.13
CA LYS D 277 21.72 4.99 -9.82
C LYS D 277 23.21 5.06 -9.61
N CYS D 278 23.93 4.07 -10.14
CA CYS D 278 25.36 3.94 -9.86
C CYS D 278 26.14 3.31 -11.02
N VAL D 279 27.26 3.94 -11.37
CA VAL D 279 28.14 3.44 -12.41
C VAL D 279 29.24 2.63 -11.76
N LEU D 280 29.39 1.39 -12.21
CA LEU D 280 30.34 0.45 -11.62
C LEU D 280 31.76 0.85 -12.01
N PRO D 281 32.71 0.60 -11.11
CA PRO D 281 34.11 0.85 -11.40
C PRO D 281 34.73 -0.23 -12.30
N VAL D 282 33.97 -1.26 -12.61
CA VAL D 282 34.45 -2.39 -13.41
C VAL D 282 33.58 -2.56 -14.69
N SER D 283 34.22 -3.01 -15.78
CA SER D 283 33.54 -3.17 -17.07
C SER D 283 33.14 -4.63 -17.30
N HIS D 284 32.35 -4.86 -18.35
CA HIS D 284 31.86 -6.20 -18.66
C HIS D 284 32.98 -7.23 -18.82
N ARG D 285 34.05 -6.82 -19.50
CA ARG D 285 35.20 -7.68 -19.79
C ARG D 285 35.92 -8.08 -18.49
N GLU D 286 35.85 -7.22 -17.47
CA GLU D 286 36.52 -7.45 -16.19
C GLU D 286 35.63 -8.13 -15.13
N GLY D 287 34.46 -8.61 -15.53
CA GLY D 287 33.57 -9.35 -14.63
C GLY D 287 32.63 -8.45 -13.83
N ALA D 288 32.14 -7.40 -14.47
CA ALA D 288 31.25 -6.45 -13.80
C ALA D 288 30.06 -7.13 -13.14
N VAL D 289 29.49 -8.13 -13.79
CA VAL D 289 28.32 -8.82 -13.22
C VAL D 289 28.72 -9.61 -11.99
N ALA D 290 29.88 -10.26 -12.05
CA ALA D 290 30.36 -11.07 -10.94
C ALA D 290 30.63 -10.18 -9.74
N TYR D 291 31.35 -9.09 -9.99
CA TYR D 291 31.64 -8.06 -8.98
C TYR D 291 30.36 -7.55 -8.27
N LEU D 292 29.36 -7.18 -9.06
CA LEU D 292 28.13 -6.63 -8.51
C LEU D 292 27.33 -7.66 -7.74
N LEU D 293 27.24 -8.89 -8.25
CA LEU D 293 26.55 -9.95 -7.53
C LEU D 293 27.29 -10.41 -6.26
N LYS D 294 28.63 -10.35 -6.28
CA LYS D 294 29.41 -10.64 -5.10
C LYS D 294 29.05 -9.65 -4.01
N LYS D 295 28.95 -8.38 -4.37
CA LYS D 295 28.54 -7.36 -3.42
C LYS D 295 27.12 -7.53 -2.88
N VAL D 296 26.22 -8.01 -3.73
CA VAL D 296 24.82 -8.22 -3.33
C VAL D 296 24.70 -9.38 -2.33
N PHE D 297 25.61 -10.36 -2.43
CA PHE D 297 25.53 -11.53 -1.57
C PHE D 297 25.88 -11.24 -0.12
N ASP D 298 26.91 -10.42 0.09
CA ASP D 298 27.36 -10.11 1.45
C ASP D 298 26.60 -8.96 2.12
N LEU D 299 25.41 -8.65 1.60
CA LEU D 299 24.39 -7.95 2.39
C LEU D 299 23.73 -9.01 3.27
N LYS D 300 23.07 -9.97 2.64
CA LYS D 300 22.42 -11.07 3.33
C LYS D 300 23.47 -12.11 3.75
CA CA E . 0.77 -18.08 27.00
CL CL F . 2.41 -15.67 28.35
CA CA G . -24.29 2.08 15.76
CL CL H . -22.97 3.13 12.94
CA CA I . 0.68 20.70 -18.87
CL CL J . -0.40 19.91 -15.98
CA CA K . 23.05 -4.95 -23.89
CL CL L . 21.27 -7.02 -25.39
#